data_7S2J
#
_entry.id   7S2J
#
_cell.length_a   39.819
_cell.length_b   143.293
_cell.length_c   85.893
_cell.angle_alpha   90.000
_cell.angle_beta   90.506
_cell.angle_gamma   90.000
#
_symmetry.space_group_name_H-M   'P 1 21 1'
#
loop_
_entity.id
_entity.type
_entity.pdbx_description
1 polymer Sul2
2 non-polymer 'SULFATE ION'
3 non-polymer 'CHLORIDE ION'
4 non-polymer GLYCEROL
5 non-polymer DI(HYDROXYETHYL)ETHER
6 water water
#
_entity_poly.entity_id   1
_entity_poly.type   'polypeptide(L)'
_entity_poly.pdbx_seq_one_letter_code
;MNKSLIIFGIVNITSDSFSDGGRYLAPDAAIAQARKLMAEGADVIDLGPASSNPDAAPVSSDTEIARIAPVLDALKADGI
PVSLDSYQPATQAYALSRGVAYLNDIRGFPDAAFYPQLAKSSAKLVVMHSVQDGQADRREAPAGDIMDHIAAFFDARIAA
LTGAGIKRNRLVLDPGMGFFLGAAPETSLSVLARFDELRLRFDLPVLLSVSRKSFLRALTGRGPGDVGAATLAAELAAAA
GGADFIRTHEPRPLRDGLAVLAALKETARIR
;
_entity_poly.pdbx_strand_id   A,B,C,D
#
# COMPACT_ATOMS: atom_id res chain seq x y z
N LYS A 3 18.35 -0.03 -37.51
CA LYS A 3 18.03 1.08 -38.41
C LYS A 3 17.31 0.59 -39.67
N SER A 4 17.86 -0.44 -40.32
CA SER A 4 17.24 -1.06 -41.47
C SER A 4 16.29 -2.15 -41.00
N LEU A 5 15.27 -2.44 -41.82
CA LEU A 5 14.23 -3.40 -41.47
C LEU A 5 14.83 -4.73 -41.02
N ILE A 6 14.42 -5.19 -39.84
CA ILE A 6 14.90 -6.46 -39.30
C ILE A 6 13.81 -7.51 -39.52
N ILE A 7 14.18 -8.63 -40.13
CA ILE A 7 13.25 -9.70 -40.43
C ILE A 7 13.39 -10.81 -39.39
N PHE A 8 12.28 -11.14 -38.72
CA PHE A 8 12.21 -12.30 -37.83
C PHE A 8 11.66 -13.48 -38.64
N GLY A 9 12.41 -14.57 -38.71
CA GLY A 9 11.92 -15.78 -39.34
C GLY A 9 11.23 -16.68 -38.33
N ILE A 10 10.00 -17.09 -38.67
CA ILE A 10 9.15 -17.86 -37.75
C ILE A 10 9.56 -19.33 -37.77
N VAL A 11 9.89 -19.88 -36.60
CA VAL A 11 10.06 -21.31 -36.39
C VAL A 11 9.31 -21.71 -35.11
N ASN A 12 8.32 -22.59 -35.25
CA ASN A 12 7.58 -23.11 -34.11
C ASN A 12 7.83 -24.60 -33.97
N ILE A 13 8.43 -24.99 -32.83
CA ILE A 13 8.60 -26.40 -32.49
C ILE A 13 7.24 -26.96 -32.13
N THR A 14 6.78 -27.94 -32.91
CA THR A 14 5.43 -28.46 -32.70
C THR A 14 5.41 -29.80 -31.97
N SER A 15 6.46 -30.61 -32.09
CA SER A 15 6.47 -31.92 -31.44
C SER A 15 7.79 -32.14 -30.71
N ASP A 16 7.75 -33.12 -29.80
CA ASP A 16 8.90 -33.48 -28.99
C ASP A 16 9.90 -34.32 -29.77
N SER A 17 9.42 -35.13 -30.70
CA SER A 17 10.32 -36.00 -31.40
C SER A 17 9.99 -36.36 -32.82
N PHE A 18 8.81 -36.05 -33.30
CA PHE A 18 8.49 -36.42 -34.67
C PHE A 18 8.24 -35.25 -35.61
N SER A 19 9.15 -35.01 -36.53
CA SER A 19 8.95 -33.93 -37.46
C SER A 19 8.83 -34.45 -38.88
N ASP A 20 7.79 -34.05 -39.59
CA ASP A 20 7.64 -34.57 -40.95
C ASP A 20 7.68 -33.58 -42.12
N GLY A 21 8.20 -32.38 -41.88
CA GLY A 21 8.26 -31.34 -42.89
C GLY A 21 6.91 -30.78 -43.29
N GLY A 22 5.90 -30.92 -42.43
CA GLY A 22 4.58 -30.37 -42.71
C GLY A 22 4.04 -29.58 -41.53
N ARG A 23 3.09 -30.16 -40.80
CA ARG A 23 2.56 -29.54 -39.60
C ARG A 23 3.30 -29.95 -38.34
N TYR A 24 4.28 -30.85 -38.44
CA TYR A 24 4.98 -31.38 -37.26
C TYR A 24 6.45 -31.02 -37.35
N LEU A 25 6.95 -30.30 -36.34
CA LEU A 25 8.33 -29.83 -36.29
C LEU A 25 8.96 -30.26 -34.97
N ALA A 26 10.08 -30.97 -35.07
CA ALA A 26 10.87 -31.49 -33.95
C ALA A 26 12.13 -30.65 -33.78
N PRO A 27 12.80 -30.74 -32.62
CA PRO A 27 13.99 -29.88 -32.40
C PRO A 27 15.07 -30.05 -33.46
N ASP A 28 15.34 -31.28 -33.89
CA ASP A 28 16.34 -31.49 -34.94
C ASP A 28 15.95 -30.73 -36.20
N ALA A 29 14.72 -30.90 -36.66
CA ALA A 29 14.26 -30.22 -37.86
C ALA A 29 13.98 -28.74 -37.65
N ALA A 30 13.64 -28.33 -36.41
CA ALA A 30 13.54 -26.91 -36.11
C ALA A 30 14.86 -26.21 -36.39
N ILE A 31 15.94 -26.93 -36.13
CA ILE A 31 17.26 -26.43 -36.36
C ILE A 31 17.53 -26.25 -37.85
N ALA A 32 17.08 -27.17 -38.67
CA ALA A 32 17.21 -27.07 -40.12
C ALA A 32 16.32 -25.96 -40.68
N GLN A 33 15.13 -25.79 -40.11
CA GLN A 33 14.28 -24.69 -40.55
C GLN A 33 14.91 -23.35 -40.21
N ALA A 34 15.51 -23.24 -39.02
CA ALA A 34 16.14 -21.98 -38.64
C ALA A 34 17.27 -21.62 -39.60
N ARG A 35 18.18 -22.57 -39.89
CA ARG A 35 19.26 -22.26 -40.81
C ARG A 35 18.71 -21.94 -42.21
N LYS A 36 17.65 -22.63 -42.63
CA LYS A 36 17.07 -22.33 -43.94
C LYS A 36 16.51 -20.92 -43.99
N LEU A 37 15.87 -20.46 -42.91
CA LEU A 37 15.28 -19.13 -42.91
C LEU A 37 16.34 -18.04 -42.91
N MET A 38 17.41 -18.21 -42.13
CA MET A 38 18.56 -17.32 -42.25
C MET A 38 19.12 -17.30 -43.66
N ALA A 39 19.26 -18.48 -44.30
CA ALA A 39 19.75 -18.51 -45.67
C ALA A 39 18.85 -17.74 -46.62
N GLU A 40 17.55 -17.69 -46.31
CA GLU A 40 16.59 -16.99 -47.15
C GLU A 40 16.49 -15.51 -46.85
N GLY A 41 17.19 -15.01 -45.83
CA GLY A 41 17.28 -13.58 -45.59
C GLY A 41 16.80 -13.12 -44.24
N ALA A 42 16.36 -14.01 -43.34
CA ALA A 42 16.00 -13.58 -42.00
C ALA A 42 17.22 -13.05 -41.26
N ASP A 43 17.00 -12.11 -40.35
CA ASP A 43 18.06 -11.66 -39.45
C ASP A 43 18.02 -12.36 -38.11
N VAL A 44 16.83 -12.75 -37.66
CA VAL A 44 16.59 -13.32 -36.34
C VAL A 44 15.63 -14.47 -36.54
N ILE A 45 15.77 -15.50 -35.73
CA ILE A 45 14.79 -16.58 -35.70
C ILE A 45 13.86 -16.33 -34.52
N ASP A 46 12.58 -16.10 -34.80
CA ASP A 46 11.57 -15.99 -33.77
C ASP A 46 11.11 -17.41 -33.47
N LEU A 47 11.65 -17.99 -32.39
CA LEU A 47 11.51 -19.41 -32.06
C LEU A 47 10.39 -19.59 -31.05
N GLY A 48 9.34 -20.31 -31.45
CA GLY A 48 8.28 -20.66 -30.55
C GLY A 48 8.39 -22.11 -30.12
N PRO A 49 8.32 -22.38 -28.82
CA PRO A 49 8.50 -23.75 -28.33
C PRO A 49 7.28 -24.64 -28.48
N ALA A 50 6.18 -24.12 -29.00
CA ALA A 50 4.94 -24.87 -29.12
C ALA A 50 4.18 -24.34 -30.32
N SER A 51 3.11 -25.05 -30.68
CA SER A 51 2.32 -24.67 -31.84
C SER A 51 1.66 -23.30 -31.62
N SER A 52 1.38 -22.63 -32.74
CA SER A 52 0.74 -21.32 -32.69
C SER A 52 -0.78 -21.42 -32.56
N ASN A 53 -1.36 -22.56 -32.92
CA ASN A 53 -2.82 -22.72 -32.91
C ASN A 53 -3.32 -22.87 -31.48
N PRO A 54 -4.32 -22.10 -31.07
CA PRO A 54 -4.86 -22.23 -29.70
C PRO A 54 -5.54 -23.57 -29.43
N ASP A 55 -5.79 -24.40 -30.44
CA ASP A 55 -6.53 -25.64 -30.23
C ASP A 55 -5.67 -26.78 -29.74
N ALA A 56 -4.34 -26.68 -29.87
CA ALA A 56 -3.47 -27.72 -29.35
C ALA A 56 -3.32 -27.56 -27.84
N ALA A 57 -3.16 -28.69 -27.15
CA ALA A 57 -3.00 -28.68 -25.71
C ALA A 57 -1.74 -27.92 -25.33
N PRO A 58 -1.84 -26.83 -24.56
CA PRO A 58 -0.64 -26.08 -24.19
C PRO A 58 0.29 -26.91 -23.32
N VAL A 59 1.56 -26.97 -23.71
CA VAL A 59 2.55 -27.74 -22.96
C VAL A 59 3.08 -26.91 -21.80
N SER A 60 3.77 -27.57 -20.88
CA SER A 60 4.27 -26.93 -19.68
C SER A 60 5.55 -26.13 -19.99
N SER A 61 5.86 -25.19 -19.09
CA SER A 61 7.13 -24.49 -19.21
C SER A 61 8.30 -25.47 -19.20
N ASP A 62 8.15 -26.59 -18.46
CA ASP A 62 9.18 -27.62 -18.48
C ASP A 62 9.33 -28.22 -19.87
N THR A 63 8.20 -28.45 -20.56
CA THR A 63 8.29 -29.02 -21.90
C THR A 63 8.88 -28.01 -22.88
N GLU A 64 8.49 -26.75 -22.76
CA GLU A 64 9.03 -25.71 -23.64
C GLU A 64 10.55 -25.61 -23.50
N ILE A 65 11.05 -25.64 -22.27
CA ILE A 65 12.49 -25.53 -22.05
C ILE A 65 13.22 -26.73 -22.65
N ALA A 66 12.71 -27.94 -22.42
CA ALA A 66 13.34 -29.12 -22.99
C ALA A 66 13.42 -29.03 -24.51
N ARG A 67 12.38 -28.47 -25.15
CA ARG A 67 12.38 -28.40 -26.61
C ARG A 67 13.38 -27.38 -27.12
N ILE A 68 13.44 -26.20 -26.49
CA ILE A 68 14.27 -25.14 -27.04
C ILE A 68 15.73 -25.29 -26.66
N ALA A 69 16.03 -26.03 -25.58
CA ALA A 69 17.41 -26.17 -25.12
C ALA A 69 18.37 -26.61 -26.22
N PRO A 70 18.13 -27.71 -26.95
CA PRO A 70 19.08 -28.07 -28.03
C PRO A 70 19.05 -27.12 -29.21
N VAL A 71 17.91 -26.48 -29.48
CA VAL A 71 17.85 -25.50 -30.56
C VAL A 71 18.68 -24.28 -30.22
N LEU A 72 18.60 -23.80 -28.99
CA LEU A 72 19.42 -22.65 -28.57
C LEU A 72 20.91 -22.97 -28.60
N ASP A 73 21.32 -24.19 -28.25
CA ASP A 73 22.76 -24.51 -28.32
C ASP A 73 23.30 -24.35 -29.72
N ALA A 74 22.61 -24.90 -30.72
CA ALA A 74 23.16 -24.86 -32.07
C ALA A 74 23.04 -23.48 -32.70
N LEU A 75 21.92 -22.77 -32.48
CA LEU A 75 21.85 -21.41 -33.01
C LEU A 75 22.92 -20.51 -32.38
N LYS A 76 23.20 -20.69 -31.09
CA LYS A 76 24.27 -19.94 -30.45
C LYS A 76 25.62 -20.28 -31.07
N ALA A 77 25.82 -21.55 -31.42
CA ALA A 77 27.05 -21.94 -32.11
C ALA A 77 27.16 -21.26 -33.46
N ASP A 78 26.06 -21.21 -34.22
CA ASP A 78 26.05 -20.61 -35.54
C ASP A 78 26.10 -19.09 -35.53
N GLY A 79 26.04 -18.46 -34.36
CA GLY A 79 25.91 -17.01 -34.34
C GLY A 79 24.61 -16.55 -34.96
N ILE A 80 23.54 -17.31 -34.74
CA ILE A 80 22.22 -17.01 -35.26
C ILE A 80 21.42 -16.35 -34.15
N PRO A 81 21.00 -15.10 -34.28
CA PRO A 81 20.24 -14.45 -33.21
C PRO A 81 18.85 -15.07 -33.04
N VAL A 82 18.38 -15.06 -31.80
CA VAL A 82 17.13 -15.71 -31.44
C VAL A 82 16.25 -14.73 -30.68
N SER A 83 14.99 -14.61 -31.09
CA SER A 83 13.93 -14.03 -30.28
C SER A 83 13.10 -15.19 -29.76
N LEU A 84 13.04 -15.35 -28.44
CA LEU A 84 12.40 -16.52 -27.88
C LEU A 84 10.94 -16.13 -27.63
N ASP A 85 10.03 -16.77 -28.37
CA ASP A 85 8.62 -16.38 -28.43
C ASP A 85 7.80 -17.27 -27.51
N SER A 86 7.65 -16.83 -26.25
CA SER A 86 6.93 -17.63 -25.27
C SER A 86 6.33 -16.70 -24.24
N TYR A 87 5.12 -17.01 -23.78
CA TYR A 87 4.49 -16.23 -22.73
C TYR A 87 4.73 -16.80 -21.33
N GLN A 88 5.43 -17.93 -21.22
CA GLN A 88 5.59 -18.57 -19.92
C GLN A 88 6.80 -18.00 -19.21
N PRO A 89 6.65 -17.42 -18.01
CA PRO A 89 7.80 -16.75 -17.38
C PRO A 89 8.97 -17.67 -17.09
N ALA A 90 8.74 -18.95 -16.79
CA ALA A 90 9.88 -19.82 -16.53
C ALA A 90 10.67 -20.08 -17.80
N THR A 91 9.99 -20.12 -18.94
CA THR A 91 10.67 -20.23 -20.22
C THR A 91 11.42 -18.95 -20.55
N GLN A 92 10.80 -17.80 -20.29
CA GLN A 92 11.48 -16.53 -20.46
C GLN A 92 12.75 -16.48 -19.63
N ALA A 93 12.66 -16.86 -18.35
CA ALA A 93 13.83 -16.80 -17.48
C ALA A 93 14.93 -17.71 -17.98
N TYR A 94 14.58 -18.92 -18.42
CA TYR A 94 15.59 -19.81 -18.99
C TYR A 94 16.23 -19.17 -20.21
N ALA A 95 15.40 -18.63 -21.11
CA ALA A 95 15.93 -18.04 -22.33
C ALA A 95 16.87 -16.89 -22.03
N LEU A 96 16.52 -16.07 -21.03
CA LEU A 96 17.41 -14.99 -20.62
C LEU A 96 18.75 -15.53 -20.11
N SER A 97 18.71 -16.66 -19.40
CA SER A 97 19.94 -17.26 -18.90
C SER A 97 20.84 -17.74 -20.03
N ARG A 98 20.27 -18.02 -21.20
CA ARG A 98 21.04 -18.42 -22.37
C ARG A 98 21.45 -17.24 -23.25
N GLY A 99 21.13 -16.02 -22.83
CA GLY A 99 21.56 -14.85 -23.58
C GLY A 99 20.86 -14.58 -24.89
N VAL A 100 19.56 -14.89 -24.98
CA VAL A 100 18.85 -14.65 -26.24
C VAL A 100 18.77 -13.16 -26.50
N ALA A 101 18.71 -12.80 -27.78
CA ALA A 101 18.69 -11.41 -28.20
C ALA A 101 17.38 -10.73 -27.84
N TYR A 102 16.27 -11.47 -27.88
CA TYR A 102 14.94 -10.92 -27.65
C TYR A 102 14.07 -11.93 -26.92
N LEU A 103 13.16 -11.41 -26.09
CA LEU A 103 11.99 -12.15 -25.64
C LEU A 103 10.79 -11.58 -26.38
N ASN A 104 9.90 -12.46 -26.84
CA ASN A 104 8.69 -12.02 -27.54
C ASN A 104 7.51 -12.64 -26.82
N ASP A 105 6.71 -11.82 -26.14
CA ASP A 105 5.66 -12.30 -25.27
C ASP A 105 4.30 -11.88 -25.82
N ILE A 106 3.47 -12.85 -26.23
CA ILE A 106 2.15 -12.50 -26.72
C ILE A 106 1.24 -11.99 -25.61
N ARG A 107 1.61 -12.19 -24.34
CA ARG A 107 0.88 -11.56 -23.25
C ARG A 107 1.45 -10.20 -22.85
N GLY A 108 2.54 -9.76 -23.48
CA GLY A 108 3.10 -8.43 -23.21
C GLY A 108 3.66 -8.19 -21.82
N PHE A 109 4.21 -9.23 -21.18
CA PHE A 109 4.85 -9.15 -19.86
C PHE A 109 3.90 -8.50 -18.85
N PRO A 110 2.79 -9.18 -18.53
CA PRO A 110 1.75 -8.56 -17.69
C PRO A 110 1.94 -8.71 -16.19
N ASP A 111 2.93 -9.48 -15.74
CA ASP A 111 3.00 -9.88 -14.33
C ASP A 111 4.18 -9.12 -13.73
N ALA A 112 3.87 -8.09 -12.93
CA ALA A 112 4.93 -7.23 -12.39
C ALA A 112 5.88 -7.97 -11.46
N ALA A 113 5.45 -9.08 -10.86
CA ALA A 113 6.34 -9.82 -9.99
C ALA A 113 7.58 -10.32 -10.73
N PHE A 114 7.49 -10.47 -12.04
CA PHE A 114 8.59 -10.96 -12.86
C PHE A 114 9.54 -9.85 -13.31
N TYR A 115 9.15 -8.58 -13.13
CA TYR A 115 9.90 -7.49 -13.75
C TYR A 115 11.35 -7.37 -13.27
N PRO A 116 11.71 -7.70 -12.01
CA PRO A 116 13.13 -7.62 -11.65
C PRO A 116 14.03 -8.50 -12.49
N GLN A 117 13.55 -9.67 -12.89
CA GLN A 117 14.34 -10.54 -13.76
C GLN A 117 14.46 -9.94 -15.15
N LEU A 118 13.40 -9.29 -15.64
CA LEU A 118 13.52 -8.61 -16.93
C LEU A 118 14.49 -7.45 -16.84
N ALA A 119 14.47 -6.72 -15.71
CA ALA A 119 15.28 -5.52 -15.55
C ALA A 119 16.76 -5.84 -15.55
N LYS A 120 17.16 -6.99 -15.02
CA LYS A 120 18.57 -7.30 -14.87
C LYS A 120 19.16 -7.96 -16.11
N SER A 121 18.37 -8.20 -17.15
CA SER A 121 18.87 -8.72 -18.41
C SER A 121 19.11 -7.57 -19.39
N SER A 122 19.81 -7.87 -20.49
CA SER A 122 19.97 -6.92 -21.57
C SER A 122 19.12 -7.24 -22.80
N ALA A 123 18.41 -8.37 -22.79
CA ALA A 123 17.64 -8.76 -23.97
C ALA A 123 16.55 -7.74 -24.27
N LYS A 124 16.33 -7.49 -25.56
CA LYS A 124 15.22 -6.66 -25.96
C LYS A 124 13.91 -7.41 -25.76
N LEU A 125 12.84 -6.66 -25.53
CA LEU A 125 11.53 -7.23 -25.20
C LEU A 125 10.52 -6.80 -26.25
N VAL A 126 9.92 -7.77 -26.94
CA VAL A 126 8.84 -7.47 -27.86
C VAL A 126 7.55 -7.56 -27.06
N VAL A 127 6.95 -6.40 -26.81
CA VAL A 127 5.78 -6.26 -25.94
C VAL A 127 4.56 -6.27 -26.84
N MET A 128 3.77 -7.33 -26.82
CA MET A 128 2.70 -7.40 -27.77
C MET A 128 1.37 -7.09 -27.09
N HIS A 129 0.52 -6.36 -27.80
CA HIS A 129 -0.84 -6.08 -27.37
C HIS A 129 -1.77 -7.12 -27.96
N SER A 130 -2.76 -7.54 -27.17
CA SER A 130 -3.86 -8.31 -27.72
C SER A 130 -5.14 -7.87 -27.03
N VAL A 131 -6.26 -8.07 -27.71
CA VAL A 131 -7.53 -7.78 -27.07
C VAL A 131 -7.90 -8.84 -26.05
N GLN A 132 -7.40 -10.07 -26.21
CA GLN A 132 -7.67 -11.11 -25.22
C GLN A 132 -7.13 -10.70 -23.85
N ASP A 133 -5.85 -10.34 -23.79
CA ASP A 133 -5.19 -9.94 -22.56
C ASP A 133 -5.44 -10.98 -21.45
N GLY A 134 -5.28 -12.26 -21.82
CA GLY A 134 -5.44 -13.36 -20.90
C GLY A 134 -6.81 -14.02 -20.89
N GLN A 135 -7.79 -13.45 -21.59
CA GLN A 135 -9.14 -13.99 -21.65
C GLN A 135 -9.38 -14.53 -23.06
N ALA A 136 -9.37 -15.87 -23.21
CA ALA A 136 -9.60 -16.46 -24.52
C ALA A 136 -10.96 -16.08 -25.07
N ASP A 137 -11.94 -15.85 -24.19
CA ASP A 137 -13.29 -15.52 -24.63
C ASP A 137 -13.40 -14.11 -25.20
N ARG A 138 -12.46 -13.23 -24.85
CA ARG A 138 -12.53 -11.82 -25.25
C ARG A 138 -11.91 -11.72 -26.64
N ARG A 139 -12.75 -11.57 -27.66
CA ARG A 139 -12.30 -11.57 -29.05
C ARG A 139 -12.27 -10.20 -29.70
N GLU A 140 -12.68 -9.15 -28.98
CA GLU A 140 -12.70 -7.80 -29.53
C GLU A 140 -12.22 -6.83 -28.46
N ALA A 141 -11.65 -5.72 -28.90
CA ALA A 141 -11.34 -4.62 -28.01
C ALA A 141 -12.62 -3.95 -27.53
N PRO A 142 -12.55 -3.17 -26.45
CA PRO A 142 -13.71 -2.38 -26.04
C PRO A 142 -14.13 -1.42 -27.15
N ALA A 143 -15.39 -0.99 -27.07
CA ALA A 143 -15.94 -0.06 -28.06
C ALA A 143 -15.03 1.13 -28.29
N GLY A 144 -14.89 1.52 -29.56
CA GLY A 144 -14.18 2.71 -29.94
C GLY A 144 -13.08 2.40 -30.95
N ASP A 145 -12.20 3.38 -31.12
CA ASP A 145 -11.09 3.30 -32.07
C ASP A 145 -10.03 2.33 -31.55
N ILE A 146 -9.72 1.29 -32.34
CA ILE A 146 -8.74 0.29 -31.91
C ILE A 146 -7.40 0.93 -31.58
N MET A 147 -6.98 1.92 -32.38
CA MET A 147 -5.72 2.60 -32.09
C MET A 147 -5.73 3.29 -30.73
N ASP A 148 -6.88 3.84 -30.32
CA ASP A 148 -6.97 4.45 -29.00
C ASP A 148 -6.71 3.43 -27.92
N HIS A 149 -7.30 2.23 -28.07
CA HIS A 149 -7.14 1.21 -27.04
C HIS A 149 -5.73 0.65 -27.02
N ILE A 150 -5.12 0.47 -28.19
CA ILE A 150 -3.73 0.02 -28.22
C ILE A 150 -2.80 1.06 -27.61
N ALA A 151 -2.99 2.34 -27.94
CA ALA A 151 -2.12 3.36 -27.33
C ALA A 151 -2.25 3.33 -25.81
N ALA A 152 -3.48 3.21 -25.31
CA ALA A 152 -3.68 3.24 -23.86
C ALA A 152 -3.09 2.01 -23.20
N PHE A 153 -3.14 0.87 -23.89
CA PHE A 153 -2.49 -0.33 -23.37
C PHE A 153 -0.99 -0.11 -23.21
N PHE A 154 -0.34 0.46 -24.23
CA PHE A 154 1.10 0.69 -24.15
C PHE A 154 1.45 1.82 -23.19
N ASP A 155 0.62 2.87 -23.10
CA ASP A 155 0.82 3.90 -22.09
C ASP A 155 1.02 3.25 -20.72
N ALA A 156 0.09 2.38 -20.34
CA ALA A 156 0.13 1.76 -19.02
C ALA A 156 1.26 0.74 -18.91
N ARG A 157 1.43 -0.11 -19.93
CA ARG A 157 2.39 -1.20 -19.81
C ARG A 157 3.83 -0.68 -19.89
N ILE A 158 4.10 0.26 -20.79
CA ILE A 158 5.44 0.85 -20.85
C ILE A 158 5.78 1.51 -19.53
N ALA A 159 4.83 2.25 -18.95
CA ALA A 159 5.05 2.85 -17.63
C ALA A 159 5.41 1.79 -16.58
N ALA A 160 4.66 0.69 -16.57
CA ALA A 160 4.93 -0.38 -15.59
C ALA A 160 6.31 -0.98 -15.79
N LEU A 161 6.67 -1.27 -17.04
CA LEU A 161 7.97 -1.90 -17.32
C LEU A 161 9.12 -0.95 -17.03
N THR A 162 9.08 0.28 -17.58
CA THR A 162 10.21 1.19 -17.39
C THR A 162 10.29 1.67 -15.94
N GLY A 163 9.14 1.79 -15.27
CA GLY A 163 9.18 2.13 -13.85
C GLY A 163 9.89 1.08 -13.02
N ALA A 164 9.81 -0.18 -13.46
CA ALA A 164 10.50 -1.26 -12.77
C ALA A 164 11.96 -1.37 -13.16
N GLY A 165 12.48 -0.46 -14.00
CA GLY A 165 13.90 -0.48 -14.36
C GLY A 165 14.23 -1.13 -15.68
N ILE A 166 13.24 -1.53 -16.48
CA ILE A 166 13.49 -2.02 -17.83
C ILE A 166 13.63 -0.80 -18.72
N LYS A 167 14.86 -0.54 -19.18
CA LYS A 167 15.12 0.68 -19.95
C LYS A 167 14.30 0.72 -21.23
N ARG A 168 13.70 1.87 -21.52
CA ARG A 168 12.77 1.95 -22.62
C ARG A 168 13.42 1.62 -23.97
N ASN A 169 14.74 1.83 -24.13
CA ASN A 169 15.31 1.47 -25.42
C ASN A 169 15.43 -0.03 -25.64
N ARG A 170 15.10 -0.85 -24.64
CA ARG A 170 14.97 -2.30 -24.86
C ARG A 170 13.62 -2.70 -25.46
N LEU A 171 12.66 -1.79 -25.53
CA LEU A 171 11.29 -2.17 -25.87
C LEU A 171 11.03 -2.07 -27.37
N VAL A 172 10.36 -3.10 -27.89
CA VAL A 172 9.80 -3.14 -29.23
C VAL A 172 8.30 -3.36 -29.09
N LEU A 173 7.51 -2.54 -29.77
CA LEU A 173 6.06 -2.58 -29.62
C LEU A 173 5.44 -3.39 -30.76
N ASP A 174 4.66 -4.41 -30.40
CA ASP A 174 3.90 -5.19 -31.38
C ASP A 174 2.42 -4.95 -31.10
N PRO A 175 1.71 -4.19 -31.95
CA PRO A 175 0.30 -3.88 -31.66
C PRO A 175 -0.63 -5.07 -31.78
N GLY A 176 -0.14 -6.22 -32.22
CA GLY A 176 -1.00 -7.36 -32.49
C GLY A 176 -1.58 -7.31 -33.91
N MET A 177 -2.05 -8.47 -34.37
CA MET A 177 -2.63 -8.54 -35.70
C MET A 177 -3.58 -9.72 -35.79
N GLY A 178 -4.57 -9.59 -36.67
CA GLY A 178 -5.47 -10.71 -36.91
C GLY A 178 -6.26 -11.02 -35.66
N PHE A 179 -6.23 -12.30 -35.26
CA PHE A 179 -7.03 -12.77 -34.13
C PHE A 179 -6.75 -11.99 -32.84
N PHE A 180 -5.53 -11.47 -32.67
CA PHE A 180 -5.21 -10.69 -31.49
C PHE A 180 -5.88 -9.32 -31.46
N LEU A 181 -6.51 -8.89 -32.57
CA LEU A 181 -7.18 -7.60 -32.65
C LEU A 181 -8.69 -7.69 -32.75
N GLY A 182 -9.21 -8.77 -33.33
CA GLY A 182 -10.63 -8.88 -33.56
C GLY A 182 -10.90 -9.75 -34.77
N ALA A 183 -12.17 -10.13 -34.89
CA ALA A 183 -12.59 -10.99 -35.97
C ALA A 183 -12.69 -10.28 -37.30
N ALA A 184 -12.87 -8.95 -37.29
CA ALA A 184 -13.15 -8.30 -38.57
C ALA A 184 -11.84 -7.92 -39.27
N PRO A 185 -11.76 -8.08 -40.59
CA PRO A 185 -10.51 -7.69 -41.28
C PRO A 185 -10.23 -6.20 -41.17
N GLU A 186 -11.29 -5.36 -41.11
CA GLU A 186 -11.10 -3.92 -40.99
C GLU A 186 -10.24 -3.55 -39.79
N THR A 187 -10.35 -4.29 -38.68
CA THR A 187 -9.57 -3.97 -37.50
C THR A 187 -8.08 -4.16 -37.77
N SER A 188 -7.70 -5.28 -38.39
CA SER A 188 -6.30 -5.50 -38.70
C SER A 188 -5.79 -4.50 -39.74
N LEU A 189 -6.64 -4.14 -40.72
CA LEU A 189 -6.27 -3.15 -41.72
C LEU A 189 -6.04 -1.78 -41.08
N SER A 190 -6.86 -1.42 -40.08
CA SER A 190 -6.63 -0.15 -39.40
C SER A 190 -5.24 -0.11 -38.76
N VAL A 191 -4.87 -1.18 -38.06
CA VAL A 191 -3.58 -1.23 -37.39
C VAL A 191 -2.44 -1.25 -38.41
N LEU A 192 -2.58 -2.05 -39.47
CA LEU A 192 -1.57 -2.07 -40.52
C LEU A 192 -1.41 -0.69 -41.15
N ALA A 193 -2.51 0.06 -41.30
CA ALA A 193 -2.44 1.40 -41.87
C ALA A 193 -1.92 2.45 -40.89
N ARG A 194 -2.13 2.27 -39.58
CA ARG A 194 -1.90 3.36 -38.64
C ARG A 194 -0.87 3.06 -37.56
N PHE A 195 -0.13 1.94 -37.65
CA PHE A 195 0.81 1.63 -36.57
C PHE A 195 1.89 2.70 -36.40
N ASP A 196 2.16 3.51 -37.42
CA ASP A 196 3.18 4.53 -37.19
C ASP A 196 2.73 5.58 -36.17
N GLU A 197 1.42 5.68 -35.91
CA GLU A 197 0.98 6.57 -34.83
C GLU A 197 1.59 6.16 -33.48
N LEU A 198 1.87 4.86 -33.29
CA LEU A 198 2.48 4.36 -32.07
C LEU A 198 3.97 4.66 -32.04
N ARG A 199 4.67 4.44 -33.16
CA ARG A 199 6.07 4.83 -33.25
C ARG A 199 6.26 6.29 -32.88
N LEU A 200 5.35 7.15 -33.34
CA LEU A 200 5.47 8.58 -33.06
C LEU A 200 5.09 8.91 -31.62
N ARG A 201 4.05 8.26 -31.11
CA ARG A 201 3.63 8.55 -29.73
C ARG A 201 4.74 8.19 -28.74
N PHE A 202 5.39 7.05 -28.93
CA PHE A 202 6.31 6.52 -27.94
C PHE A 202 7.77 6.67 -28.31
N ASP A 203 8.08 7.11 -29.54
CA ASP A 203 9.45 7.12 -30.05
C ASP A 203 10.12 5.76 -29.82
N LEU A 204 9.37 4.70 -30.12
CA LEU A 204 9.84 3.34 -29.99
C LEU A 204 9.59 2.58 -31.28
N PRO A 205 10.40 1.56 -31.57
CA PRO A 205 10.20 0.78 -32.79
C PRO A 205 9.00 -0.16 -32.67
N VAL A 206 8.48 -0.54 -33.84
CA VAL A 206 7.29 -1.39 -33.94
C VAL A 206 7.64 -2.65 -34.75
N LEU A 207 7.18 -3.79 -34.27
CA LEU A 207 7.22 -5.06 -34.99
C LEU A 207 5.82 -5.45 -35.45
N LEU A 208 5.70 -5.92 -36.68
CA LEU A 208 4.42 -6.38 -37.20
C LEU A 208 4.58 -7.81 -37.67
N SER A 209 3.52 -8.61 -37.50
CA SER A 209 3.46 -9.97 -38.02
C SER A 209 2.13 -10.12 -38.74
N VAL A 210 2.15 -9.99 -40.07
CA VAL A 210 0.95 -10.15 -40.88
C VAL A 210 0.95 -11.46 -41.66
N SER A 211 2.10 -12.11 -41.75
CA SER A 211 2.28 -13.23 -42.69
C SER A 211 1.23 -14.30 -42.49
N ARG A 212 0.50 -14.60 -43.58
CA ARG A 212 -0.48 -15.67 -43.67
C ARG A 212 -1.67 -15.49 -42.73
N LYS A 213 -1.86 -14.30 -42.15
CA LYS A 213 -3.00 -14.10 -41.25
C LYS A 213 -4.32 -14.19 -42.02
N SER A 214 -5.36 -14.60 -41.31
CA SER A 214 -6.64 -14.91 -41.97
C SER A 214 -7.25 -13.70 -42.67
N PHE A 215 -7.07 -12.49 -42.14
CA PHE A 215 -7.70 -11.33 -42.75
C PHE A 215 -7.19 -11.10 -44.18
N LEU A 216 -5.95 -11.50 -44.47
CA LEU A 216 -5.46 -11.39 -45.84
C LEU A 216 -6.26 -12.27 -46.79
N ARG A 217 -6.70 -13.43 -46.31
CA ARG A 217 -7.52 -14.32 -47.14
C ARG A 217 -8.88 -13.73 -47.43
N ALA A 218 -9.35 -12.81 -46.57
CA ALA A 218 -10.63 -12.15 -46.84
C ALA A 218 -10.51 -11.16 -47.98
N LEU A 219 -9.36 -10.48 -48.09
CA LEU A 219 -9.14 -9.50 -49.15
C LEU A 219 -8.72 -10.12 -50.47
N THR A 220 -8.48 -11.43 -50.51
CA THR A 220 -8.11 -12.10 -51.75
C THR A 220 -9.12 -13.11 -52.23
N GLY A 221 -9.78 -13.82 -51.31
CA GLY A 221 -10.69 -14.88 -51.69
C GLY A 221 -10.05 -16.23 -51.94
N ARG A 222 -8.82 -16.44 -51.48
CA ARG A 222 -8.12 -17.69 -51.69
C ARG A 222 -7.83 -18.39 -50.36
N GLY A 223 -7.51 -19.68 -50.45
CA GLY A 223 -7.29 -20.50 -49.29
C GLY A 223 -5.97 -20.25 -48.60
N PRO A 224 -5.53 -21.20 -47.78
CA PRO A 224 -4.33 -20.96 -46.95
C PRO A 224 -3.03 -20.88 -47.74
N GLY A 225 -2.86 -21.70 -48.76
CA GLY A 225 -1.59 -21.76 -49.47
C GLY A 225 -1.47 -20.83 -50.66
N ASP A 226 -2.34 -19.82 -50.73
CA ASP A 226 -2.34 -18.90 -51.86
C ASP A 226 -2.27 -17.44 -51.44
N VAL A 227 -1.97 -17.14 -50.17
CA VAL A 227 -1.92 -15.76 -49.71
C VAL A 227 -0.49 -15.22 -49.73
N GLY A 228 0.39 -15.85 -50.51
CA GLY A 228 1.78 -15.42 -50.51
C GLY A 228 1.96 -14.01 -51.05
N ALA A 229 1.25 -13.67 -52.13
CA ALA A 229 1.37 -12.33 -52.68
C ALA A 229 0.71 -11.29 -51.80
N ALA A 230 -0.45 -11.61 -51.22
CA ALA A 230 -1.12 -10.66 -50.33
C ALA A 230 -0.26 -10.37 -49.11
N THR A 231 0.44 -11.40 -48.61
CA THR A 231 1.36 -11.21 -47.50
C THR A 231 2.49 -10.28 -47.88
N LEU A 232 3.09 -10.50 -49.06
CA LEU A 232 4.22 -9.67 -49.48
C LEU A 232 3.78 -8.21 -49.63
N ALA A 233 2.64 -7.97 -50.26
CA ALA A 233 2.14 -6.61 -50.39
C ALA A 233 1.91 -5.97 -49.02
N ALA A 234 1.37 -6.73 -48.08
CA ALA A 234 1.13 -6.17 -46.74
C ALA A 234 2.44 -5.88 -46.03
N GLU A 235 3.42 -6.77 -46.14
CA GLU A 235 4.71 -6.53 -45.51
C GLU A 235 5.43 -5.35 -46.15
N LEU A 236 5.36 -5.25 -47.49
CA LEU A 236 6.02 -4.11 -48.15
C LEU A 236 5.37 -2.79 -47.76
N ALA A 237 4.04 -2.77 -47.67
CA ALA A 237 3.34 -1.57 -47.21
C ALA A 237 3.73 -1.21 -45.78
N ALA A 238 3.87 -2.22 -44.92
CA ALA A 238 4.34 -1.97 -43.56
C ALA A 238 5.76 -1.40 -43.57
N ALA A 239 6.64 -1.99 -44.36
CA ALA A 239 8.02 -1.50 -44.42
C ALA A 239 8.06 -0.05 -44.89
N ALA A 240 7.30 0.26 -45.96
CA ALA A 240 7.26 1.62 -46.47
C ALA A 240 6.64 2.59 -45.48
N GLY A 241 5.70 2.13 -44.66
CA GLY A 241 5.15 2.91 -43.58
C GLY A 241 6.04 3.06 -42.36
N GLY A 242 7.20 2.42 -42.34
CA GLY A 242 8.18 2.61 -41.30
C GLY A 242 8.32 1.51 -40.28
N ALA A 243 7.75 0.33 -40.52
CA ALA A 243 7.91 -0.78 -39.59
C ALA A 243 9.39 -1.08 -39.41
N ASP A 244 9.80 -1.32 -38.17
CA ASP A 244 11.20 -1.58 -37.85
C ASP A 244 11.55 -3.05 -37.85
N PHE A 245 10.56 -3.91 -37.64
CA PHE A 245 10.69 -5.36 -37.59
C PHE A 245 9.50 -5.96 -38.30
N ILE A 246 9.72 -7.02 -39.07
CA ILE A 246 8.63 -7.79 -39.63
C ILE A 246 8.90 -9.26 -39.33
N ARG A 247 7.90 -9.92 -38.76
CA ARG A 247 7.98 -11.34 -38.41
C ARG A 247 7.25 -12.12 -39.50
N THR A 248 7.94 -13.05 -40.16
CA THR A 248 7.36 -13.64 -41.36
C THR A 248 7.74 -15.11 -41.51
N HIS A 249 6.94 -15.82 -42.29
CA HIS A 249 7.23 -17.21 -42.62
C HIS A 249 8.17 -17.35 -43.81
N GLU A 250 8.23 -16.35 -44.68
CA GLU A 250 9.02 -16.45 -45.93
C GLU A 250 9.88 -15.21 -46.07
N PRO A 251 11.11 -15.24 -45.55
CA PRO A 251 11.97 -14.06 -45.62
C PRO A 251 12.42 -13.69 -47.03
N ARG A 252 12.56 -14.66 -47.93
CA ARG A 252 13.16 -14.34 -49.22
C ARG A 252 12.28 -13.43 -50.08
N PRO A 253 10.98 -13.69 -50.26
CA PRO A 253 10.18 -12.74 -51.04
C PRO A 253 10.21 -11.33 -50.46
N LEU A 254 10.21 -11.23 -49.14
CA LEU A 254 10.27 -9.91 -48.51
C LEU A 254 11.63 -9.27 -48.76
N ARG A 255 12.71 -10.04 -48.58
CA ARG A 255 14.04 -9.52 -48.86
CA ARG A 255 14.04 -9.52 -48.86
C ARG A 255 14.12 -9.01 -50.30
N ASP A 256 13.66 -9.80 -51.26
CA ASP A 256 13.69 -9.38 -52.66
C ASP A 256 12.85 -8.13 -52.89
N GLY A 257 11.62 -8.12 -52.36
CA GLY A 257 10.77 -6.95 -52.53
C GLY A 257 11.38 -5.69 -51.95
N LEU A 258 11.98 -5.80 -50.76
CA LEU A 258 12.62 -4.64 -50.13
C LEU A 258 13.80 -4.14 -50.96
N ALA A 259 14.54 -5.06 -51.58
CA ALA A 259 15.67 -4.67 -52.42
C ALA A 259 15.21 -3.85 -53.61
N VAL A 260 14.06 -4.20 -54.19
CA VAL A 260 13.54 -3.40 -55.31
C VAL A 260 13.16 -2.00 -54.82
N LEU A 261 12.43 -1.92 -53.71
CA LEU A 261 12.04 -0.61 -53.17
C LEU A 261 13.27 0.21 -52.81
N ALA A 262 14.25 -0.40 -52.15
CA ALA A 262 15.48 0.34 -51.84
C ALA A 262 16.14 0.84 -53.11
N ALA A 263 16.22 0.00 -54.15
CA ALA A 263 16.88 0.41 -55.37
C ALA A 263 16.13 1.55 -56.06
N LEU A 264 14.81 1.62 -55.88
CA LEU A 264 14.03 2.67 -56.52
C LEU A 264 14.23 4.02 -55.83
N LYS A 265 14.22 4.04 -54.50
CA LYS A 265 14.41 5.32 -53.80
C LYS A 265 15.83 5.83 -53.98
N GLU A 266 16.81 4.93 -53.99
CA GLU A 266 18.19 5.32 -54.27
C GLU A 266 18.31 5.95 -55.65
N THR A 267 17.44 5.56 -56.58
CA THR A 267 17.48 6.13 -57.92
C THR A 267 16.92 7.55 -57.92
N ALA A 268 15.84 7.78 -57.18
CA ALA A 268 15.17 9.07 -57.16
C ALA A 268 15.84 10.08 -56.24
N ARG A 269 16.98 9.74 -55.67
CA ARG A 269 17.72 10.66 -54.80
C ARG A 269 18.68 11.52 -55.62
N LYS B 3 18.14 9.77 9.57
CA LYS B 3 17.96 11.03 10.25
C LYS B 3 16.49 11.30 10.57
N SER B 4 16.23 12.21 11.49
CA SER B 4 14.86 12.63 11.76
C SER B 4 14.33 13.45 10.58
N LEU B 5 13.03 13.76 10.64
CA LEU B 5 12.37 14.42 9.53
C LEU B 5 12.88 15.85 9.36
N ILE B 6 13.21 16.21 8.12
CA ILE B 6 13.71 17.55 7.79
C ILE B 6 12.57 18.40 7.27
N ILE B 7 12.36 19.57 7.86
CA ILE B 7 11.24 20.46 7.49
C ILE B 7 11.78 21.59 6.63
N PHE B 8 11.21 21.77 5.44
CA PHE B 8 11.49 22.92 4.60
C PHE B 8 10.39 23.95 4.85
N GLY B 9 10.74 25.17 5.23
CA GLY B 9 9.74 26.24 5.41
C GLY B 9 9.62 27.09 4.16
N ILE B 10 8.39 27.27 3.69
CA ILE B 10 8.13 27.91 2.39
C ILE B 10 8.19 29.42 2.54
N VAL B 11 8.97 30.08 1.68
CA VAL B 11 8.99 31.54 1.61
C VAL B 11 9.01 31.91 0.13
N ASN B 12 7.93 32.49 -0.38
CA ASN B 12 7.86 32.88 -1.78
C ASN B 12 7.87 34.40 -1.90
N ILE B 13 8.83 34.94 -2.64
CA ILE B 13 8.86 36.37 -2.94
C ILE B 13 7.86 36.61 -4.06
N THR B 14 6.91 37.52 -3.84
CA THR B 14 5.87 37.76 -4.83
C THR B 14 5.88 39.18 -5.36
N SER B 15 6.77 40.03 -4.88
CA SER B 15 6.77 41.43 -5.29
C SER B 15 8.20 41.91 -5.31
N ASP B 16 8.51 42.81 -6.24
CA ASP B 16 9.82 43.43 -6.22
C ASP B 16 9.98 44.31 -4.99
N SER B 17 8.89 44.88 -4.47
CA SER B 17 9.06 45.95 -3.49
C SER B 17 7.96 46.09 -2.42
N PHE B 18 6.73 45.64 -2.69
CA PHE B 18 5.63 45.91 -1.78
C PHE B 18 5.34 44.68 -0.91
N SER B 19 5.24 44.88 0.40
CA SER B 19 4.96 43.81 1.35
C SER B 19 3.78 44.21 2.21
N ASP B 20 2.79 43.32 2.33
CA ASP B 20 1.68 43.55 3.24
C ASP B 20 1.49 42.41 4.22
N GLY B 21 2.48 41.52 4.34
CA GLY B 21 2.34 40.35 5.20
C GLY B 21 1.31 39.33 4.77
N GLY B 22 0.71 39.49 3.59
CA GLY B 22 -0.26 38.54 3.08
C GLY B 22 0.12 38.03 1.71
N ARG B 23 -0.61 38.44 0.67
CA ARG B 23 -0.31 38.01 -0.68
C ARG B 23 0.96 38.64 -1.24
N TYR B 24 1.36 39.80 -0.74
CA TYR B 24 2.52 40.51 -1.27
C TYR B 24 3.67 40.40 -0.29
N LEU B 25 4.82 39.91 -0.79
CA LEU B 25 6.01 39.69 0.02
C LEU B 25 7.24 40.08 -0.80
N ALA B 26 7.89 41.16 -0.43
CA ALA B 26 9.10 41.64 -1.10
C ALA B 26 10.33 41.08 -0.41
N PRO B 27 11.53 41.26 -1.01
CA PRO B 27 12.72 40.61 -0.44
C PRO B 27 13.00 40.92 1.04
N ASP B 28 12.86 42.19 1.48
CA ASP B 28 13.09 42.51 2.89
C ASP B 28 12.17 41.70 3.81
N ALA B 29 10.88 41.66 3.49
CA ALA B 29 9.95 40.92 4.32
C ALA B 29 10.22 39.42 4.23
N ALA B 30 10.70 38.95 3.09
CA ALA B 30 11.00 37.54 2.95
C ALA B 30 12.12 37.12 3.88
N ILE B 31 13.13 37.97 4.06
CA ILE B 31 14.18 37.70 5.05
C ILE B 31 13.57 37.56 6.45
N ALA B 32 12.67 38.48 6.80
CA ALA B 32 12.02 38.37 8.11
C ALA B 32 11.18 37.11 8.22
N GLN B 33 10.48 36.73 7.14
CA GLN B 33 9.68 35.51 7.19
C GLN B 33 10.56 34.28 7.33
N ALA B 34 11.70 34.24 6.62
CA ALA B 34 12.64 33.14 6.76
C ALA B 34 13.12 32.98 8.19
N ARG B 35 13.54 34.08 8.81
CA ARG B 35 13.99 34.02 10.20
C ARG B 35 12.88 33.53 11.12
N LYS B 36 11.65 33.97 10.87
CA LYS B 36 10.51 33.52 11.67
C LYS B 36 10.27 32.02 11.52
N LEU B 37 10.35 31.50 10.29
CA LEU B 37 10.10 30.07 10.07
C LEU B 37 11.20 29.22 10.70
N MET B 38 12.45 29.69 10.68
CA MET B 38 13.49 28.95 11.38
C MET B 38 13.23 28.92 12.88
N ALA B 39 12.84 30.06 13.45
CA ALA B 39 12.49 30.08 14.87
C ALA B 39 11.26 29.22 15.17
N GLU B 40 10.43 28.94 14.16
CA GLU B 40 9.26 28.09 14.39
C GLU B 40 9.55 26.61 14.15
N GLY B 41 10.77 26.25 13.79
CA GLY B 41 11.14 24.85 13.71
C GLY B 41 11.50 24.35 12.33
N ALA B 42 11.55 25.21 11.32
CA ALA B 42 12.08 24.78 10.03
C ALA B 42 13.57 24.50 10.16
N ASP B 43 14.05 23.54 9.37
CA ASP B 43 15.47 23.23 9.24
C ASP B 43 16.11 23.92 8.05
N VAL B 44 15.33 24.20 7.02
CA VAL B 44 15.78 24.74 5.75
C VAL B 44 14.71 25.68 5.27
N ILE B 45 15.10 26.80 4.67
CA ILE B 45 14.13 27.68 4.04
C ILE B 45 14.07 27.33 2.55
N ASP B 46 12.89 26.98 2.07
CA ASP B 46 12.68 26.73 0.64
C ASP B 46 12.19 28.04 0.04
N LEU B 47 13.10 28.75 -0.62
CA LEU B 47 12.88 30.12 -1.05
C LEU B 47 12.49 30.16 -2.52
N GLY B 48 11.28 30.64 -2.82
CA GLY B 48 10.83 30.82 -4.17
C GLY B 48 10.97 32.28 -4.59
N PRO B 49 11.51 32.54 -5.78
CA PRO B 49 11.68 33.92 -6.25
C PRO B 49 10.42 34.56 -6.84
N ALA B 50 9.34 33.81 -6.96
CA ALA B 50 8.12 34.28 -7.62
C ALA B 50 6.92 33.62 -6.98
N SER B 51 5.75 34.17 -7.27
CA SER B 51 4.50 33.58 -6.83
C SER B 51 4.36 32.16 -7.37
N SER B 52 3.78 31.28 -6.55
CA SER B 52 3.46 29.93 -7.01
C SER B 52 2.07 29.85 -7.60
N ASN B 53 1.32 30.94 -7.60
CA ASN B 53 -0.01 30.97 -8.18
C ASN B 53 0.10 31.03 -9.71
N PRO B 54 -0.43 30.05 -10.45
CA PRO B 54 -0.36 30.12 -11.92
C PRO B 54 -1.08 31.31 -12.53
N ASP B 55 -1.93 32.01 -11.76
CA ASP B 55 -2.58 33.21 -12.28
C ASP B 55 -1.56 34.33 -12.51
N ALA B 56 -0.56 34.46 -11.63
CA ALA B 56 0.41 35.52 -11.76
C ALA B 56 1.26 35.35 -13.01
N ALA B 57 1.53 36.45 -13.69
CA ALA B 57 2.43 36.39 -14.84
C ALA B 57 3.83 36.02 -14.36
N PRO B 58 4.51 35.09 -15.03
CA PRO B 58 5.84 34.69 -14.56
C PRO B 58 6.85 35.82 -14.81
N VAL B 59 7.88 35.86 -13.98
CA VAL B 59 8.90 36.89 -14.09
C VAL B 59 10.15 36.26 -14.69
N SER B 60 10.99 37.10 -15.29
CA SER B 60 12.22 36.61 -15.92
C SER B 60 13.21 36.15 -14.85
N SER B 61 14.25 35.46 -15.33
CA SER B 61 15.33 35.07 -14.43
CA SER B 61 15.33 35.07 -14.42
C SER B 61 16.03 36.30 -13.85
N ASP B 62 16.17 37.37 -14.64
CA ASP B 62 16.79 38.59 -14.12
C ASP B 62 16.02 39.14 -12.93
N THR B 63 14.69 39.15 -13.03
CA THR B 63 13.88 39.58 -11.89
C THR B 63 14.04 38.62 -10.72
N GLU B 64 14.08 37.31 -10.99
CA GLU B 64 14.24 36.33 -9.92
C GLU B 64 15.55 36.56 -9.18
N ILE B 65 16.64 36.73 -9.93
CA ILE B 65 17.95 36.92 -9.31
C ILE B 65 17.96 38.22 -8.51
N ALA B 66 17.42 39.30 -9.10
CA ALA B 66 17.36 40.57 -8.39
C ALA B 66 16.63 40.43 -7.07
N ARG B 67 15.58 39.60 -7.02
CA ARG B 67 14.81 39.43 -5.79
C ARG B 67 15.55 38.60 -4.76
N ILE B 68 16.18 37.49 -5.17
CA ILE B 68 16.75 36.58 -4.18
C ILE B 68 18.14 36.97 -3.70
N ALA B 69 18.87 37.79 -4.46
CA ALA B 69 20.26 38.07 -4.08
C ALA B 69 20.38 38.64 -2.66
N PRO B 70 19.60 39.63 -2.26
CA PRO B 70 19.74 40.12 -0.86
C PRO B 70 19.19 39.14 0.17
N VAL B 71 18.21 38.31 -0.20
CA VAL B 71 17.75 37.27 0.73
C VAL B 71 18.85 36.25 0.96
N LEU B 72 19.49 35.79 -0.11
CA LEU B 72 20.57 34.81 0.05
C LEU B 72 21.74 35.39 0.85
N ASP B 73 22.09 36.66 0.59
CA ASP B 73 23.13 37.32 1.39
C ASP B 73 22.79 37.27 2.88
N ALA B 74 21.57 37.64 3.23
CA ALA B 74 21.21 37.75 4.65
C ALA B 74 21.10 36.38 5.29
N LEU B 75 20.51 35.40 4.58
CA LEU B 75 20.42 34.07 5.18
C LEU B 75 21.78 33.39 5.28
N LYS B 76 22.67 33.64 4.32
CA LYS B 76 24.05 33.14 4.46
C LYS B 76 24.73 33.71 5.69
N ALA B 77 24.56 35.02 5.94
CA ALA B 77 25.19 35.63 7.10
C ALA B 77 24.64 35.06 8.40
N ASP B 78 23.38 34.63 8.39
CA ASP B 78 22.73 34.01 9.56
C ASP B 78 23.01 32.52 9.69
N GLY B 79 23.60 31.89 8.68
CA GLY B 79 23.76 30.45 8.71
C GLY B 79 22.48 29.68 8.56
N ILE B 80 21.49 30.26 7.88
CA ILE B 80 20.20 29.60 7.65
C ILE B 80 20.30 28.82 6.34
N PRO B 81 20.16 27.49 6.36
CA PRO B 81 20.25 26.73 5.11
C PRO B 81 19.13 27.09 4.16
N VAL B 82 19.44 27.13 2.85
CA VAL B 82 18.47 27.56 1.84
C VAL B 82 18.34 26.47 0.79
N SER B 83 17.09 26.17 0.44
CA SER B 83 16.75 25.41 -0.76
C SER B 83 16.18 26.43 -1.74
N LEU B 84 16.87 26.67 -2.84
CA LEU B 84 16.44 27.68 -3.80
C LEU B 84 15.48 27.00 -4.76
N ASP B 85 14.22 27.44 -4.73
CA ASP B 85 13.11 26.75 -5.40
C ASP B 85 12.78 27.53 -6.67
N SER B 86 13.46 27.20 -7.77
CA SER B 86 13.24 27.90 -9.03
C SER B 86 13.39 26.89 -10.16
N TYR B 87 12.62 27.07 -11.23
CA TYR B 87 12.73 26.21 -12.39
C TYR B 87 13.56 26.82 -13.51
N GLN B 88 14.02 28.05 -13.35
CA GLN B 88 14.77 28.70 -14.42
C GLN B 88 16.25 28.39 -14.26
N PRO B 89 16.88 27.74 -15.25
CA PRO B 89 18.30 27.35 -15.09
C PRO B 89 19.24 28.52 -14.83
N ALA B 90 19.01 29.69 -15.39
CA ALA B 90 19.88 30.82 -15.08
C ALA B 90 19.81 31.18 -13.60
N THR B 91 18.61 31.13 -13.03
CA THR B 91 18.45 31.39 -11.61
C THR B 91 19.11 30.28 -10.80
N GLN B 92 18.91 29.03 -11.21
CA GLN B 92 19.55 27.91 -10.52
C GLN B 92 21.08 28.08 -10.52
N ALA B 93 21.64 28.43 -11.68
CA ALA B 93 23.09 28.61 -11.79
C ALA B 93 23.57 29.70 -10.83
N TYR B 94 22.84 30.82 -10.77
CA TYR B 94 23.19 31.88 -9.85
C TYR B 94 23.19 31.36 -8.42
N ALA B 95 22.12 30.64 -8.05
CA ALA B 95 22.01 30.11 -6.68
C ALA B 95 23.17 29.18 -6.36
N LEU B 96 23.56 28.31 -7.29
CA LEU B 96 24.71 27.44 -7.08
C LEU B 96 25.99 28.25 -6.85
N SER B 97 26.11 29.40 -7.52
CA SER B 97 27.30 30.21 -7.32
C SER B 97 27.34 30.81 -5.92
N ARG B 98 26.19 30.94 -5.26
CA ARG B 98 26.12 31.46 -3.89
C ARG B 98 26.22 30.36 -2.84
N GLY B 99 26.29 29.10 -3.24
CA GLY B 99 26.54 28.01 -2.30
C GLY B 99 25.34 27.55 -1.50
N VAL B 100 24.14 27.56 -2.10
CA VAL B 100 22.94 27.16 -1.38
C VAL B 100 22.99 25.66 -1.07
N ALA B 101 22.26 25.27 -0.03
CA ALA B 101 22.25 23.88 0.42
C ALA B 101 21.51 22.96 -0.54
N TYR B 102 20.37 23.41 -1.09
CA TYR B 102 19.61 22.62 -2.06
C TYR B 102 19.19 23.48 -3.23
N LEU B 103 18.98 22.80 -4.37
CA LEU B 103 18.14 23.32 -5.44
C LEU B 103 16.87 22.48 -5.50
N ASN B 104 15.75 23.13 -5.77
CA ASN B 104 14.45 22.47 -5.84
C ASN B 104 13.77 22.96 -7.11
N ASP B 105 13.46 22.03 -8.02
CA ASP B 105 13.00 22.39 -9.36
C ASP B 105 11.68 21.68 -9.62
N ILE B 106 10.61 22.47 -9.83
CA ILE B 106 9.34 21.83 -10.17
C ILE B 106 9.37 21.20 -11.55
N ARG B 107 10.35 21.52 -12.39
CA ARG B 107 10.56 20.79 -13.64
C ARG B 107 11.49 19.60 -13.52
N GLY B 108 12.04 19.33 -12.34
CA GLY B 108 12.86 18.15 -12.12
C GLY B 108 14.18 18.09 -12.87
N PHE B 109 14.76 19.24 -13.23
CA PHE B 109 16.06 19.33 -13.92
C PHE B 109 16.01 18.56 -15.24
N PRO B 110 15.20 19.01 -16.20
CA PRO B 110 15.01 18.24 -17.44
C PRO B 110 16.01 18.52 -18.55
N ASP B 111 16.85 19.54 -18.41
CA ASP B 111 17.73 20.00 -19.48
C ASP B 111 19.13 19.48 -19.20
N ALA B 112 19.49 18.37 -19.86
CA ALA B 112 20.77 17.72 -19.62
C ALA B 112 21.96 18.63 -19.89
N ALA B 113 21.76 19.70 -20.65
CA ALA B 113 22.84 20.63 -20.91
C ALA B 113 23.20 21.46 -19.69
N PHE B 114 22.34 21.49 -18.68
CA PHE B 114 22.65 22.17 -17.43
C PHE B 114 23.41 21.27 -16.45
N TYR B 115 23.55 19.99 -16.75
CA TYR B 115 24.07 19.04 -15.78
C TYR B 115 25.53 19.26 -15.39
N PRO B 116 26.41 19.77 -16.26
CA PRO B 116 27.78 20.02 -15.80
C PRO B 116 27.85 20.99 -14.64
N GLN B 117 26.93 21.96 -14.59
CA GLN B 117 26.95 22.92 -13.49
C GLN B 117 26.44 22.26 -12.22
N LEU B 118 25.37 21.47 -12.32
CA LEU B 118 24.90 20.69 -11.19
C LEU B 118 25.97 19.72 -10.72
N ALA B 119 26.68 19.08 -11.66
CA ALA B 119 27.67 18.07 -11.28
C ALA B 119 28.76 18.69 -10.43
N LYS B 120 29.15 19.91 -10.75
CA LYS B 120 30.15 20.63 -9.98
CA LYS B 120 30.15 20.62 -9.96
C LYS B 120 29.41 21.52 -8.97
N SER B 121 28.94 20.88 -7.91
CA SER B 121 28.36 21.55 -6.76
C SER B 121 28.16 20.51 -5.68
N SER B 122 28.14 20.95 -4.42
CA SER B 122 27.75 20.10 -3.31
C SER B 122 26.26 20.20 -2.96
N ALA B 123 25.53 21.13 -3.59
CA ALA B 123 24.09 21.27 -3.33
C ALA B 123 23.36 19.95 -3.56
N LYS B 124 22.48 19.60 -2.63
CA LYS B 124 21.56 18.51 -2.89
C LYS B 124 20.44 18.98 -3.81
N LEU B 125 19.84 18.03 -4.51
CA LEU B 125 18.86 18.33 -5.55
C LEU B 125 17.53 17.67 -5.22
N VAL B 126 16.49 18.48 -5.09
CA VAL B 126 15.13 17.99 -4.95
C VAL B 126 14.56 17.85 -6.35
N VAL B 127 14.39 16.60 -6.80
CA VAL B 127 13.95 16.26 -8.13
C VAL B 127 12.45 16.00 -8.07
N MET B 128 11.64 16.95 -8.55
CA MET B 128 10.19 16.83 -8.56
C MET B 128 9.66 16.16 -9.82
N HIS B 129 8.73 15.22 -9.64
CA HIS B 129 7.91 14.69 -10.73
C HIS B 129 6.67 15.56 -10.87
N SER B 130 6.26 15.82 -12.12
CA SER B 130 4.93 16.35 -12.41
C SER B 130 4.40 15.71 -13.68
N VAL B 131 3.07 15.62 -13.79
CA VAL B 131 2.52 15.09 -15.02
C VAL B 131 2.67 16.07 -16.17
N GLN B 132 3.00 17.34 -15.86
CA GLN B 132 3.30 18.32 -16.89
C GLN B 132 4.66 18.09 -17.54
N ASP B 133 5.51 17.20 -17.01
CA ASP B 133 6.89 17.10 -17.47
C ASP B 133 6.94 16.76 -18.97
N GLY B 134 7.55 17.64 -19.73
CA GLY B 134 7.59 17.45 -21.17
C GLY B 134 6.62 18.33 -21.93
N GLN B 135 5.35 18.34 -21.51
CA GLN B 135 4.31 19.12 -22.17
C GLN B 135 3.51 19.88 -21.12
N ALA B 136 3.42 21.20 -21.31
CA ALA B 136 3.14 22.12 -20.21
C ALA B 136 1.68 22.12 -19.78
N ASP B 137 0.73 22.14 -20.71
CA ASP B 137 -0.68 22.20 -20.33
C ASP B 137 -1.27 20.82 -20.07
N ARG B 138 -0.44 19.81 -19.86
CA ARG B 138 -0.94 18.49 -19.51
C ARG B 138 -1.28 18.48 -18.03
N ARG B 139 -2.49 18.06 -17.66
CA ARG B 139 -2.77 17.95 -16.23
C ARG B 139 -3.22 16.59 -15.76
N GLU B 140 -3.12 15.55 -16.60
CA GLU B 140 -3.24 14.18 -16.11
C GLU B 140 -2.12 13.34 -16.72
N ALA B 141 -1.67 12.36 -15.94
CA ALA B 141 -0.79 11.31 -16.46
C ALA B 141 -1.54 10.47 -17.48
N PRO B 142 -0.82 9.80 -18.39
CA PRO B 142 -1.49 8.89 -19.33
C PRO B 142 -2.13 7.72 -18.60
N ALA B 143 -2.81 6.86 -19.34
CA ALA B 143 -3.43 5.68 -18.74
C ALA B 143 -2.43 4.86 -17.95
N GLY B 144 -2.91 4.23 -16.89
CA GLY B 144 -2.13 3.35 -16.06
C GLY B 144 -2.01 3.87 -14.65
N ASP B 145 -1.21 3.16 -13.86
CA ASP B 145 -1.04 3.50 -12.45
C ASP B 145 -0.17 4.74 -12.32
N ILE B 146 -0.69 5.76 -11.61
CA ILE B 146 0.12 6.97 -11.38
C ILE B 146 1.48 6.60 -10.81
N MET B 147 1.57 5.56 -9.97
CA MET B 147 2.85 5.30 -9.34
C MET B 147 3.84 4.68 -10.33
N ASP B 148 3.33 3.94 -11.33
CA ASP B 148 4.19 3.48 -12.41
C ASP B 148 4.75 4.65 -13.20
N HIS B 149 3.89 5.61 -13.53
CA HIS B 149 4.38 6.80 -14.24
C HIS B 149 5.40 7.56 -13.43
N ILE B 150 5.20 7.68 -12.10
CA ILE B 150 6.17 8.38 -11.28
C ILE B 150 7.50 7.62 -11.26
N ALA B 151 7.46 6.29 -11.06
CA ALA B 151 8.70 5.52 -11.03
C ALA B 151 9.40 5.56 -12.38
N ALA B 152 8.63 5.55 -13.46
CA ALA B 152 9.24 5.64 -14.79
C ALA B 152 9.92 6.98 -14.98
N PHE B 153 9.29 8.05 -14.49
CA PHE B 153 9.95 9.36 -14.55
C PHE B 153 11.27 9.35 -13.78
N PHE B 154 11.25 8.86 -12.54
CA PHE B 154 12.46 8.93 -11.73
C PHE B 154 13.54 7.99 -12.26
N ASP B 155 13.16 6.78 -12.69
CA ASP B 155 14.20 5.88 -13.20
C ASP B 155 15.02 6.55 -14.29
N ALA B 156 14.33 7.20 -15.24
CA ALA B 156 15.03 7.85 -16.36
C ALA B 156 15.76 9.12 -15.92
N ARG B 157 15.13 9.93 -15.06
CA ARG B 157 15.75 11.20 -14.66
C ARG B 157 16.94 10.97 -13.74
N ILE B 158 16.84 10.05 -12.78
CA ILE B 158 18.00 9.72 -11.95
C ILE B 158 19.14 9.18 -12.81
N ALA B 159 18.82 8.36 -13.81
CA ALA B 159 19.87 7.81 -14.66
C ALA B 159 20.58 8.92 -15.42
N ALA B 160 19.82 9.87 -15.95
CA ALA B 160 20.41 10.99 -16.68
C ALA B 160 21.30 11.83 -15.78
N LEU B 161 20.82 12.15 -14.58
CA LEU B 161 21.62 12.98 -13.68
C LEU B 161 22.88 12.25 -13.26
N THR B 162 22.76 10.98 -12.85
CA THR B 162 23.94 10.26 -12.40
C THR B 162 24.89 9.96 -13.55
N GLY B 163 24.36 9.75 -14.76
CA GLY B 163 25.22 9.57 -15.92
C GLY B 163 26.02 10.82 -16.28
N ALA B 164 25.58 11.98 -15.80
CA ALA B 164 26.32 13.23 -15.99
C ALA B 164 27.27 13.52 -14.84
N GLY B 165 27.41 12.61 -13.88
CA GLY B 165 28.34 12.77 -12.78
C GLY B 165 27.75 13.39 -11.53
N ILE B 166 26.44 13.51 -11.43
CA ILE B 166 25.79 13.98 -10.22
C ILE B 166 25.60 12.76 -9.32
N LYS B 167 26.34 12.70 -8.21
CA LYS B 167 26.30 11.51 -7.37
C LYS B 167 24.89 11.25 -6.86
N ARG B 168 24.50 9.98 -6.88
CA ARG B 168 23.17 9.55 -6.43
C ARG B 168 22.78 10.16 -5.09
N ASN B 169 23.71 10.19 -4.14
CA ASN B 169 23.35 10.52 -2.77
C ASN B 169 23.06 12.01 -2.59
N ARG B 170 23.21 12.80 -3.64
CA ARG B 170 22.78 14.18 -3.59
C ARG B 170 21.29 14.36 -3.89
N LEU B 171 20.60 13.29 -4.31
CA LEU B 171 19.24 13.39 -4.81
C LEU B 171 18.19 13.18 -3.72
N VAL B 172 17.13 14.00 -3.77
CA VAL B 172 15.92 13.84 -2.97
C VAL B 172 14.74 13.79 -3.94
N LEU B 173 13.86 12.80 -3.79
CA LEU B 173 12.76 12.61 -4.73
C LEU B 173 11.47 13.23 -4.20
N ASP B 174 10.85 14.09 -5.01
CA ASP B 174 9.52 14.64 -4.68
C ASP B 174 8.55 14.15 -5.73
N PRO B 175 7.60 13.26 -5.40
CA PRO B 175 6.70 12.71 -6.43
C PRO B 175 5.67 13.70 -6.96
N GLY B 176 5.57 14.88 -6.37
CA GLY B 176 4.53 15.83 -6.76
C GLY B 176 3.25 15.61 -5.99
N MET B 177 2.44 16.68 -5.93
CA MET B 177 1.18 16.62 -5.20
C MET B 177 0.19 17.57 -5.86
N GLY B 178 -1.09 17.27 -5.73
CA GLY B 178 -2.11 18.20 -6.18
C GLY B 178 -2.11 18.32 -7.69
N PHE B 179 -2.07 19.56 -8.18
CA PHE B 179 -2.14 19.83 -9.62
C PHE B 179 -0.98 19.19 -10.37
N PHE B 180 0.14 18.97 -9.69
CA PHE B 180 1.28 18.30 -10.32
C PHE B 180 1.01 16.82 -10.59
N LEU B 181 -0.03 16.25 -9.99
CA LEU B 181 -0.45 14.86 -10.22
C LEU B 181 -1.72 14.72 -11.04
N GLY B 182 -2.68 15.63 -10.90
CA GLY B 182 -3.96 15.47 -11.56
C GLY B 182 -5.04 16.28 -10.86
N ALA B 183 -6.19 16.38 -11.52
CA ALA B 183 -7.29 17.18 -11.01
C ALA B 183 -8.05 16.48 -9.88
N ALA B 184 -8.04 15.14 -9.85
CA ALA B 184 -8.86 14.42 -8.88
C ALA B 184 -8.10 14.28 -7.56
N PRO B 185 -8.74 14.55 -6.43
CA PRO B 185 -8.05 14.36 -5.15
C PRO B 185 -7.59 12.93 -4.91
N GLU B 186 -8.33 11.94 -5.43
CA GLU B 186 -7.92 10.55 -5.30
C GLU B 186 -6.49 10.31 -5.81
N THR B 187 -6.08 11.00 -6.87
CA THR B 187 -4.73 10.80 -7.39
C THR B 187 -3.68 11.23 -6.37
N SER B 188 -3.91 12.37 -5.70
CA SER B 188 -2.96 12.81 -4.69
C SER B 188 -2.99 11.86 -3.49
N LEU B 189 -4.17 11.40 -3.11
CA LEU B 189 -4.28 10.46 -1.99
C LEU B 189 -3.53 9.17 -2.28
N SER B 190 -3.57 8.69 -3.53
CA SER B 190 -2.84 7.47 -3.87
C SER B 190 -1.34 7.66 -3.64
N VAL B 191 -0.80 8.79 -4.07
CA VAL B 191 0.63 9.01 -3.90
C VAL B 191 0.97 9.21 -2.43
N LEU B 192 0.09 9.91 -1.68
CA LEU B 192 0.33 10.07 -0.25
C LEU B 192 0.33 8.72 0.47
N ALA B 193 -0.51 7.79 0.03
CA ALA B 193 -0.54 6.47 0.64
C ALA B 193 0.63 5.58 0.21
N ARG B 194 1.12 5.73 -1.02
CA ARG B 194 2.04 4.75 -1.58
C ARG B 194 3.47 5.23 -1.82
N PHE B 195 3.81 6.48 -1.44
CA PHE B 195 5.13 7.01 -1.78
C PHE B 195 6.26 6.19 -1.17
N ASP B 196 6.03 5.42 -0.12
CA ASP B 196 7.16 4.66 0.42
C ASP B 196 7.64 3.61 -0.58
N GLU B 197 6.79 3.24 -1.55
CA GLU B 197 7.24 2.37 -2.64
C GLU B 197 8.43 2.97 -3.37
N LEU B 198 8.47 4.30 -3.47
CA LEU B 198 9.55 4.98 -4.18
C LEU B 198 10.83 5.01 -3.34
N ARG B 199 10.71 5.22 -2.02
CA ARG B 199 11.90 5.16 -1.17
C ARG B 199 12.62 3.83 -1.33
N LEU B 200 11.86 2.75 -1.35
CA LEU B 200 12.46 1.42 -1.42
C LEU B 200 12.95 1.11 -2.84
N ARG B 201 12.23 1.57 -3.86
CA ARG B 201 12.63 1.28 -5.24
C ARG B 201 13.96 1.93 -5.59
N PHE B 202 14.18 3.16 -5.14
CA PHE B 202 15.36 3.90 -5.53
C PHE B 202 16.37 4.06 -4.41
N ASP B 203 16.04 3.64 -3.18
CA ASP B 203 16.89 3.84 -2.01
C ASP B 203 17.32 5.29 -1.88
N LEU B 204 16.34 6.19 -2.02
CA LEU B 204 16.59 7.62 -1.89
C LEU B 204 15.51 8.22 -0.99
N PRO B 205 15.82 9.32 -0.30
CA PRO B 205 14.79 9.97 0.53
C PRO B 205 13.73 10.64 -0.31
N VAL B 206 12.55 10.78 0.28
CA VAL B 206 11.39 11.34 -0.39
C VAL B 206 10.96 12.60 0.35
N LEU B 207 10.68 13.67 -0.40
CA LEU B 207 10.13 14.90 0.12
C LEU B 207 8.67 15.03 -0.31
N LEU B 208 7.79 15.45 0.60
CA LEU B 208 6.40 15.68 0.24
C LEU B 208 6.01 17.12 0.54
N SER B 209 5.25 17.74 -0.37
CA SER B 209 4.72 19.09 -0.15
C SER B 209 3.22 19.03 -0.36
N VAL B 210 2.49 18.83 0.73
CA VAL B 210 1.03 18.79 0.67
C VAL B 210 0.40 20.09 1.17
N SER B 211 1.20 20.96 1.79
CA SER B 211 0.65 22.04 2.62
C SER B 211 -0.24 22.95 1.78
N ARG B 212 -1.49 23.10 2.22
CA ARG B 212 -2.47 24.04 1.67
C ARG B 212 -2.91 23.71 0.25
N LYS B 213 -2.63 22.50 -0.23
CA LYS B 213 -3.04 22.10 -1.57
C LYS B 213 -4.57 22.02 -1.66
N SER B 214 -5.09 22.38 -2.84
CA SER B 214 -6.54 22.48 -3.03
C SER B 214 -7.25 21.17 -2.79
N PHE B 215 -6.59 20.04 -3.06
CA PHE B 215 -7.29 18.76 -2.91
C PHE B 215 -7.66 18.48 -1.46
N LEU B 216 -6.94 19.05 -0.49
CA LEU B 216 -7.35 18.94 0.92
C LEU B 216 -8.70 19.60 1.17
N ARG B 217 -8.93 20.77 0.59
CA ARG B 217 -10.22 21.43 0.77
C ARG B 217 -11.33 20.62 0.12
N ALA B 218 -11.00 19.88 -0.95
CA ALA B 218 -12.00 19.00 -1.54
C ALA B 218 -12.43 17.92 -0.56
N LEU B 219 -11.51 17.44 0.27
CA LEU B 219 -11.88 16.40 1.24
C LEU B 219 -12.65 16.95 2.43
N THR B 220 -12.38 18.20 2.84
CA THR B 220 -13.03 18.73 4.04
C THR B 220 -14.31 19.51 3.75
N GLY B 221 -14.50 19.97 2.51
CA GLY B 221 -15.64 20.81 2.19
C GLY B 221 -15.46 22.27 2.52
N ARG B 222 -14.25 22.71 2.85
CA ARG B 222 -13.96 24.05 3.34
C ARG B 222 -13.67 25.02 2.18
N GLY B 223 -13.80 26.31 2.49
CA GLY B 223 -13.56 27.36 1.52
C GLY B 223 -12.09 27.73 1.42
N PRO B 224 -11.78 28.73 0.57
CA PRO B 224 -10.38 29.08 0.29
C PRO B 224 -9.49 29.33 1.50
N GLY B 225 -10.08 29.69 2.63
CA GLY B 225 -9.31 30.05 3.80
C GLY B 225 -8.72 28.89 4.60
N ASP B 226 -9.57 28.20 5.36
CA ASP B 226 -9.11 27.21 6.34
C ASP B 226 -8.65 25.89 5.74
N VAL B 227 -7.36 25.60 5.86
CA VAL B 227 -6.82 24.31 5.42
C VAL B 227 -5.67 23.91 6.35
N GLY B 228 -5.53 24.61 7.48
CA GLY B 228 -4.45 24.30 8.41
C GLY B 228 -4.59 22.92 9.04
N ALA B 229 -5.78 22.60 9.55
CA ALA B 229 -5.98 21.32 10.21
C ALA B 229 -5.86 20.17 9.21
N ALA B 230 -6.48 20.30 8.04
CA ALA B 230 -6.36 19.26 7.01
C ALA B 230 -4.91 19.08 6.57
N THR B 231 -4.17 20.18 6.44
CA THR B 231 -2.75 20.10 6.10
C THR B 231 -1.97 19.33 7.15
N LEU B 232 -2.19 19.64 8.43
CA LEU B 232 -1.43 18.96 9.49
C LEU B 232 -1.72 17.47 9.47
N ALA B 233 -2.99 17.11 9.28
CA ALA B 233 -3.36 15.69 9.21
C ALA B 233 -2.63 15.00 8.08
N ALA B 234 -2.55 15.64 6.92
CA ALA B 234 -1.89 15.00 5.79
C ALA B 234 -0.39 14.91 6.01
N GLU B 235 0.19 15.94 6.62
CA GLU B 235 1.63 15.93 6.90
C GLU B 235 1.97 14.89 7.97
N LEU B 236 1.11 14.75 8.99
CA LEU B 236 1.38 13.71 9.99
C LEU B 236 1.29 12.33 9.36
N ALA B 237 0.32 12.11 8.47
CA ALA B 237 0.21 10.83 7.80
C ALA B 237 1.46 10.56 6.94
N ALA B 238 1.96 11.61 6.27
CA ALA B 238 3.19 11.48 5.49
C ALA B 238 4.36 11.11 6.39
N ALA B 239 4.51 11.77 7.53
CA ALA B 239 5.59 11.44 8.46
C ALA B 239 5.47 9.99 8.92
N ALA B 240 4.26 9.56 9.29
CA ALA B 240 4.07 8.19 9.75
C ALA B 240 4.32 7.20 8.62
N GLY B 241 4.14 7.61 7.37
CA GLY B 241 4.40 6.77 6.22
C GLY B 241 5.84 6.69 5.78
N GLY B 242 6.74 7.45 6.42
CA GLY B 242 8.15 7.38 6.13
C GLY B 242 8.75 8.60 5.42
N ALA B 243 8.00 9.67 5.26
CA ALA B 243 8.52 10.86 4.59
C ALA B 243 9.81 11.35 5.26
N ASP B 244 10.84 11.63 4.45
CA ASP B 244 12.11 12.08 4.98
C ASP B 244 12.21 13.59 5.08
N PHE B 245 11.49 14.30 4.21
CA PHE B 245 11.40 15.75 4.17
C PHE B 245 9.93 16.12 4.02
N ILE B 246 9.52 17.22 4.64
CA ILE B 246 8.21 17.79 4.40
C ILE B 246 8.38 19.28 4.16
N ARG B 247 7.77 19.77 3.09
CA ARG B 247 7.83 21.19 2.73
C ARG B 247 6.50 21.82 3.12
N THR B 248 6.54 22.86 3.97
CA THR B 248 5.31 23.31 4.60
C THR B 248 5.32 24.81 4.81
N HIS B 249 4.12 25.38 4.90
CA HIS B 249 3.99 26.80 5.21
C HIS B 249 4.12 27.08 6.70
N GLU B 250 3.79 26.11 7.56
CA GLU B 250 3.71 26.33 9.01
C GLU B 250 4.50 25.24 9.74
N PRO B 251 5.78 25.48 10.00
CA PRO B 251 6.60 24.44 10.65
C PRO B 251 6.22 24.17 12.08
N ARG B 252 5.78 25.18 12.84
CA ARG B 252 5.58 24.97 14.27
C ARG B 252 4.48 23.96 14.57
N PRO B 253 3.26 24.07 14.01
CA PRO B 253 2.28 23.00 14.28
C PRO B 253 2.75 21.64 13.81
N LEU B 254 3.49 21.55 12.69
CA LEU B 254 4.01 20.26 12.27
C LEU B 254 5.03 19.73 13.29
N ARG B 255 5.95 20.58 13.73
CA ARG B 255 6.92 20.16 14.75
C ARG B 255 6.21 19.65 16.01
N ASP B 256 5.17 20.36 16.45
CA ASP B 256 4.44 19.92 17.64
C ASP B 256 3.78 18.57 17.42
N GLY B 257 3.13 18.41 16.27
CA GLY B 257 2.47 17.15 15.98
C GLY B 257 3.45 16.01 15.88
N LEU B 258 4.60 16.26 15.24
CA LEU B 258 5.65 15.25 15.13
C LEU B 258 6.14 14.83 16.50
N ALA B 259 6.20 15.77 17.45
CA ALA B 259 6.68 15.44 18.79
C ALA B 259 5.71 14.48 19.47
N VAL B 260 4.41 14.66 19.23
CA VAL B 260 3.42 13.74 19.80
C VAL B 260 3.59 12.35 19.19
N LEU B 261 3.69 12.28 17.86
CA LEU B 261 3.83 10.98 17.21
C LEU B 261 5.13 10.30 17.60
N ALA B 262 6.22 11.06 17.71
CA ALA B 262 7.50 10.46 18.08
C ALA B 262 7.45 9.89 19.50
N ALA B 263 6.85 10.63 20.43
CA ALA B 263 6.73 10.13 21.79
C ALA B 263 5.88 8.89 21.84
N LEU B 264 4.80 8.86 21.05
CA LEU B 264 3.94 7.68 21.02
C LEU B 264 4.70 6.45 20.53
N LYS B 265 5.52 6.62 19.48
CA LYS B 265 6.38 5.54 19.03
C LYS B 265 7.34 5.09 20.13
N GLU B 266 7.88 6.04 20.89
CA GLU B 266 8.89 5.70 21.89
C GLU B 266 8.30 4.88 23.03
N THR B 267 7.11 5.23 23.51
CA THR B 267 6.53 4.46 24.61
C THR B 267 6.10 3.07 24.16
N ALA B 268 5.62 2.94 22.92
CA ALA B 268 5.34 1.61 22.39
C ALA B 268 6.61 0.78 22.22
N ARG B 269 7.74 1.43 22.01
CA ARG B 269 9.02 0.76 21.90
C ARG B 269 9.45 0.20 23.25
N MET C 1 10.06 -33.94 0.32
CA MET C 1 8.89 -34.34 -0.45
C MET C 1 8.64 -35.85 -0.32
N ASN C 2 9.69 -36.60 0.00
CA ASN C 2 9.54 -38.01 0.37
C ASN C 2 9.51 -38.21 1.88
N LYS C 3 9.75 -37.17 2.67
CA LYS C 3 9.68 -37.28 4.12
C LYS C 3 8.24 -37.50 4.57
N SER C 4 8.08 -37.89 5.83
CA SER C 4 6.75 -38.11 6.36
C SER C 4 6.00 -36.79 6.45
N LEU C 5 4.68 -36.89 6.67
CA LEU C 5 3.82 -35.72 6.74
C LEU C 5 4.22 -34.79 7.88
N ILE C 6 4.30 -33.49 7.58
CA ILE C 6 4.68 -32.49 8.56
C ILE C 6 3.43 -31.74 8.97
N ILE C 7 3.19 -31.63 10.27
CA ILE C 7 1.97 -30.99 10.80
C ILE C 7 2.32 -29.60 11.30
N PHE C 8 1.60 -28.59 10.79
CA PHE C 8 1.67 -27.24 11.33
C PHE C 8 0.50 -27.11 12.32
N GLY C 9 0.79 -26.72 13.56
CA GLY C 9 -0.26 -26.40 14.50
C GLY C 9 -0.59 -24.91 14.47
N ILE C 10 -1.88 -24.60 14.31
CA ILE C 10 -2.32 -23.20 14.14
C ILE C 10 -2.39 -22.53 15.51
N VAL C 11 -1.72 -21.39 15.65
CA VAL C 11 -1.86 -20.55 16.85
C VAL C 11 -1.92 -19.10 16.39
N ASN C 12 -3.01 -18.41 16.71
CA ASN C 12 -3.15 -17.00 16.36
C ASN C 12 -3.22 -16.18 17.63
N ILE C 13 -2.41 -15.12 17.70
CA ILE C 13 -2.50 -14.12 18.77
C ILE C 13 -3.65 -13.19 18.43
N THR C 14 -4.68 -13.15 19.29
CA THR C 14 -5.88 -12.38 18.95
C THR C 14 -6.13 -11.22 19.90
N SER C 15 -5.17 -10.90 20.75
CA SER C 15 -5.28 -9.74 21.65
C SER C 15 -3.89 -9.34 22.07
N ASP C 16 -3.79 -8.14 22.65
CA ASP C 16 -2.53 -7.73 23.22
C ASP C 16 -2.39 -8.13 24.69
N SER C 17 -3.49 -8.14 25.46
CA SER C 17 -3.38 -8.48 26.87
C SER C 17 -4.66 -9.09 27.42
N PHE C 18 -5.44 -9.77 26.58
CA PHE C 18 -6.73 -10.32 26.96
C PHE C 18 -6.77 -11.80 26.58
N SER C 19 -6.95 -12.66 27.58
CA SER C 19 -7.04 -14.10 27.36
C SER C 19 -8.26 -14.60 28.11
N ASP C 20 -9.15 -15.30 27.39
CA ASP C 20 -10.42 -15.75 27.97
C ASP C 20 -10.62 -17.25 27.83
N GLY C 21 -9.55 -18.00 27.55
CA GLY C 21 -9.67 -19.43 27.35
C GLY C 21 -10.47 -19.83 26.13
N GLY C 22 -10.89 -18.87 25.32
CA GLY C 22 -11.67 -19.17 24.14
C GLY C 22 -11.05 -18.54 22.92
N ARG C 23 -11.74 -17.54 22.35
CA ARG C 23 -11.27 -16.92 21.12
C ARG C 23 -10.13 -15.93 21.34
N TYR C 24 -9.97 -15.37 22.54
CA TYR C 24 -8.97 -14.34 22.78
C TYR C 24 -7.75 -14.92 23.49
N LEU C 25 -6.60 -14.81 22.82
CA LEU C 25 -5.31 -15.25 23.34
C LEU C 25 -4.32 -14.12 23.25
N ALA C 26 -3.82 -13.68 24.40
CA ALA C 26 -2.69 -12.78 24.46
C ALA C 26 -1.41 -13.57 24.18
N PRO C 27 -0.27 -12.89 24.00
CA PRO C 27 0.94 -13.65 23.65
C PRO C 27 1.28 -14.75 24.63
N ASP C 28 1.12 -14.52 25.93
CA ASP C 28 1.44 -15.58 26.88
C ASP C 28 0.48 -16.76 26.71
N ALA C 29 -0.78 -16.49 26.37
CA ALA C 29 -1.71 -17.59 26.13
C ALA C 29 -1.39 -18.28 24.82
N ALA C 30 -0.86 -17.53 23.85
CA ALA C 30 -0.46 -18.17 22.59
C ALA C 30 0.78 -19.04 22.77
N ILE C 31 1.71 -18.61 23.62
CA ILE C 31 2.84 -19.46 23.98
C ILE C 31 2.34 -20.77 24.58
N ALA C 32 1.40 -20.67 25.53
CA ALA C 32 0.88 -21.90 26.13
C ALA C 32 0.17 -22.77 25.09
N GLN C 33 -0.49 -22.15 24.10
CA GLN C 33 -1.13 -22.95 23.07
C GLN C 33 -0.10 -23.58 22.14
N ALA C 34 0.96 -22.84 21.80
CA ALA C 34 2.01 -23.38 20.96
C ALA C 34 2.65 -24.61 21.61
N ARG C 35 2.96 -24.50 22.91
CA ARG C 35 3.56 -25.63 23.61
C ARG C 35 2.64 -26.84 23.63
N LYS C 36 1.35 -26.60 23.91
N LYS C 36 1.34 -26.61 23.90
CA LYS C 36 0.35 -27.67 23.91
CA LYS C 36 0.36 -27.68 23.91
C LYS C 36 0.30 -28.37 22.56
C LYS C 36 0.27 -28.38 22.56
N LEU C 37 0.24 -27.60 21.47
CA LEU C 37 0.08 -28.18 20.13
C LEU C 37 1.29 -29.03 19.75
N MET C 38 2.51 -28.60 20.11
CA MET C 38 3.63 -29.47 19.84
C MET C 38 3.58 -30.73 20.68
N ALA C 39 3.22 -30.62 21.96
CA ALA C 39 3.02 -31.83 22.75
C ALA C 39 1.96 -32.73 22.13
N GLU C 40 0.96 -32.15 21.46
CA GLU C 40 -0.09 -32.97 20.85
C GLU C 40 0.31 -33.55 19.50
N GLY C 41 1.53 -33.26 19.02
CA GLY C 41 2.02 -33.88 17.78
C GLY C 41 2.33 -32.93 16.64
N ALA C 42 2.19 -31.60 16.79
CA ALA C 42 2.63 -30.70 15.74
C ALA C 42 4.16 -30.75 15.59
N ASP C 43 4.64 -30.54 14.36
CA ASP C 43 6.07 -30.40 14.11
C ASP C 43 6.52 -28.95 14.10
N VAL C 44 5.62 -28.05 13.74
CA VAL C 44 5.91 -26.65 13.55
C VAL C 44 4.69 -25.88 14.05
N ILE C 45 4.91 -24.69 14.59
CA ILE C 45 3.80 -23.81 14.96
C ILE C 45 3.63 -22.74 13.88
N ASP C 46 2.45 -22.73 13.25
CA ASP C 46 2.11 -21.70 12.29
C ASP C 46 1.47 -20.54 13.06
N LEU C 47 2.27 -19.52 13.33
CA LEU C 47 1.93 -18.47 14.28
C LEU C 47 1.43 -17.25 13.53
N GLY C 48 0.17 -16.88 13.77
CA GLY C 48 -0.39 -15.66 13.25
C GLY C 48 -0.40 -14.58 14.31
N PRO C 49 -0.01 -13.36 13.92
CA PRO C 49 0.01 -12.25 14.88
C PRO C 49 -1.34 -11.61 15.10
N ALA C 50 -2.38 -12.02 14.38
CA ALA C 50 -3.67 -11.39 14.53
C ALA C 50 -4.76 -12.42 14.28
N SER C 51 -5.98 -12.04 14.65
CA SER C 51 -7.15 -12.83 14.34
C SER C 51 -7.22 -13.09 12.84
N SER C 52 -7.60 -14.32 12.47
CA SER C 52 -7.84 -14.64 11.07
C SER C 52 -9.30 -14.42 10.68
N ASN C 53 -10.09 -13.84 11.59
CA ASN C 53 -11.48 -13.54 11.29
C ASN C 53 -11.56 -12.26 10.46
N PRO C 54 -12.13 -12.30 9.26
CA PRO C 54 -12.15 -11.08 8.42
C PRO C 54 -12.94 -9.94 9.01
N ASP C 55 -13.79 -10.19 10.00
CA ASP C 55 -14.54 -9.12 10.66
C ASP C 55 -13.80 -8.52 11.84
N ALA C 56 -12.56 -8.94 12.09
CA ALA C 56 -11.72 -8.28 13.08
C ALA C 56 -11.00 -7.12 12.43
N ALA C 57 -10.84 -6.03 13.18
CA ALA C 57 -10.10 -4.88 12.69
C ALA C 57 -8.62 -5.22 12.56
N PRO C 58 -8.01 -5.08 11.39
CA PRO C 58 -6.58 -5.42 11.26
C PRO C 58 -5.74 -4.51 12.13
N VAL C 59 -4.67 -5.06 12.70
CA VAL C 59 -3.77 -4.30 13.54
C VAL C 59 -2.54 -3.93 12.71
N SER C 60 -1.83 -2.90 13.16
CA SER C 60 -0.66 -2.42 12.42
C SER C 60 0.44 -3.45 12.45
N SER C 61 1.39 -3.31 11.53
CA SER C 61 2.58 -4.17 11.58
C SER C 61 3.36 -3.96 12.88
N ASP C 62 3.39 -2.72 13.37
CA ASP C 62 3.99 -2.49 14.69
C ASP C 62 3.30 -3.33 15.76
N THR C 63 1.96 -3.40 15.73
CA THR C 63 1.27 -4.21 16.73
C THR C 63 1.55 -5.70 16.52
N GLU C 64 1.58 -6.14 15.25
CA GLU C 64 1.89 -7.55 14.99
C GLU C 64 3.26 -7.94 15.56
N ILE C 65 4.26 -7.10 15.34
CA ILE C 65 5.61 -7.39 15.80
C ILE C 65 5.67 -7.41 17.31
N ALA C 66 4.98 -6.47 17.96
CA ALA C 66 4.96 -6.44 19.43
C ALA C 66 4.31 -7.69 19.99
N ARG C 67 3.27 -8.19 19.33
CA ARG C 67 2.62 -9.42 19.78
C ARG C 67 3.52 -10.64 19.60
N ILE C 68 4.19 -10.77 18.45
CA ILE C 68 4.93 -12.00 18.18
C ILE C 68 6.32 -12.03 18.82
N ALA C 69 6.94 -10.86 19.12
CA ALA C 69 8.28 -10.82 19.67
C ALA C 69 8.46 -11.73 20.89
N PRO C 70 7.66 -11.61 21.97
CA PRO C 70 7.86 -12.52 23.11
C PRO C 70 7.48 -13.97 22.81
N VAL C 71 6.59 -14.22 21.85
CA VAL C 71 6.28 -15.61 21.49
C VAL C 71 7.47 -16.23 20.78
N LEU C 72 8.08 -15.50 19.85
CA LEU C 72 9.27 -16.01 19.20
C LEU C 72 10.40 -16.22 20.20
N ASP C 73 10.54 -15.31 21.19
CA ASP C 73 11.50 -15.52 22.27
C ASP C 73 11.28 -16.88 22.94
N ALA C 74 10.05 -17.14 23.36
CA ALA C 74 9.75 -18.36 24.11
C ALA C 74 9.92 -19.60 23.24
N LEU C 75 9.47 -19.55 21.99
CA LEU C 75 9.58 -20.74 21.15
C LEU C 75 11.01 -20.98 20.70
N LYS C 76 11.82 -19.92 20.53
CA LYS C 76 13.22 -20.14 20.25
C LYS C 76 13.91 -20.84 21.42
N ALA C 77 13.63 -20.42 22.65
CA ALA C 77 14.21 -21.07 23.82
C ALA C 77 13.74 -22.52 23.96
N ASP C 78 12.54 -22.84 23.51
CA ASP C 78 12.01 -24.20 23.57
C ASP C 78 12.51 -25.08 22.43
N GLY C 79 13.12 -24.50 21.40
CA GLY C 79 13.47 -25.27 20.23
C GLY C 79 12.30 -25.59 19.32
N ILE C 80 11.24 -24.80 19.38
CA ILE C 80 10.00 -25.08 18.65
C ILE C 80 10.04 -24.35 17.31
N PRO C 81 10.07 -25.06 16.18
CA PRO C 81 10.12 -24.37 14.89
C PRO C 81 8.85 -23.56 14.62
N VAL C 82 9.01 -22.42 13.97
CA VAL C 82 7.90 -21.50 13.73
C VAL C 82 7.74 -21.23 12.24
N SER C 83 6.49 -21.28 11.77
CA SER C 83 6.10 -20.70 10.49
C SER C 83 5.35 -19.42 10.84
N LEU C 84 5.92 -18.27 10.48
CA LEU C 84 5.30 -17.01 10.85
C LEU C 84 4.30 -16.64 9.73
N ASP C 85 3.03 -16.63 10.10
CA ASP C 85 1.91 -16.51 9.15
C ASP C 85 1.45 -15.06 9.16
N SER C 86 2.02 -14.26 8.27
CA SER C 86 1.64 -12.86 8.23
C SER C 86 1.80 -12.38 6.79
N TYR C 87 0.94 -11.47 6.38
CA TYR C 87 1.01 -10.91 5.03
C TYR C 87 1.64 -9.53 4.98
N GLN C 88 1.95 -8.91 6.12
CA GLN C 88 2.52 -7.55 6.13
C GLN C 88 4.03 -7.60 5.96
N PRO C 89 4.61 -6.94 4.94
CA PRO C 89 6.06 -7.08 4.71
C PRO C 89 6.93 -6.68 5.90
N ALA C 90 6.53 -5.66 6.66
CA ALA C 90 7.32 -5.25 7.82
C ALA C 90 7.36 -6.35 8.88
N THR C 91 6.23 -7.02 9.10
CA THR C 91 6.20 -8.15 10.01
C THR C 91 7.01 -9.32 9.46
N GLN C 92 6.91 -9.58 8.15
CA GLN C 92 7.71 -10.62 7.55
C GLN C 92 9.20 -10.33 7.72
N ALA C 93 9.61 -9.08 7.47
CA ALA C 93 11.00 -8.70 7.64
C ALA C 93 11.47 -8.95 9.07
N TYR C 94 10.65 -8.59 10.04
CA TYR C 94 11.03 -8.82 11.44
C TYR C 94 11.18 -10.31 11.72
N ALA C 95 10.21 -11.11 11.27
CA ALA C 95 10.30 -12.55 11.45
C ALA C 95 11.59 -13.12 10.86
N LEU C 96 12.01 -12.61 9.70
CA LEU C 96 13.23 -13.13 9.09
C LEU C 96 14.46 -12.76 9.92
N SER C 97 14.45 -11.57 10.53
CA SER C 97 15.54 -11.18 11.41
C SER C 97 15.60 -12.02 12.68
N ARG C 98 14.48 -12.65 13.07
CA ARG C 98 14.47 -13.61 14.17
C ARG C 98 14.73 -15.04 13.72
N GLY C 99 15.00 -15.26 12.44
CA GLY C 99 15.40 -16.59 11.96
C GLY C 99 14.33 -17.66 11.99
N VAL C 100 13.07 -17.31 11.72
CA VAL C 100 12.00 -18.31 11.71
C VAL C 100 12.25 -19.34 10.61
N ALA C 101 11.72 -20.56 10.82
CA ALA C 101 11.92 -21.64 9.86
C ALA C 101 11.10 -21.44 8.59
N TYR C 102 9.90 -20.86 8.70
CA TYR C 102 9.04 -20.62 7.54
C TYR C 102 8.41 -19.23 7.62
N LEU C 103 8.10 -18.69 6.45
CA LEU C 103 7.13 -17.61 6.28
C LEU C 103 5.93 -18.14 5.51
N ASN C 104 4.74 -17.69 5.90
CA ASN C 104 3.49 -18.15 5.32
C ASN C 104 2.61 -16.92 5.05
N ASP C 105 2.33 -16.66 3.77
CA ASP C 105 1.73 -15.39 3.35
C ASP C 105 0.43 -15.70 2.63
N ILE C 106 -0.70 -15.28 3.20
CA ILE C 106 -1.98 -15.49 2.51
C ILE C 106 -2.07 -14.65 1.25
N ARG C 107 -1.18 -13.68 1.07
CA ARG C 107 -1.11 -12.95 -0.20
C ARG C 107 -0.13 -13.58 -1.20
N GLY C 108 0.58 -14.65 -0.81
CA GLY C 108 1.41 -15.38 -1.75
C GLY C 108 2.70 -14.71 -2.20
N PHE C 109 3.25 -13.80 -1.40
CA PHE C 109 4.43 -12.98 -1.73
C PHE C 109 4.29 -12.35 -3.11
N PRO C 110 3.37 -11.41 -3.29
CA PRO C 110 3.11 -10.84 -4.61
C PRO C 110 3.93 -9.61 -4.96
N ASP C 111 4.73 -9.08 -4.03
CA ASP C 111 5.37 -7.78 -4.19
C ASP C 111 6.86 -8.03 -4.41
N ALA C 112 7.32 -7.83 -5.64
CA ALA C 112 8.70 -8.15 -5.96
C ALA C 112 9.69 -7.25 -5.24
N ALA C 113 9.24 -6.08 -4.79
CA ALA C 113 10.11 -5.21 -3.99
C ALA C 113 10.61 -5.88 -2.72
N PHE C 114 9.91 -6.89 -2.22
CA PHE C 114 10.33 -7.61 -1.02
C PHE C 114 11.23 -8.80 -1.31
N TYR C 115 11.33 -9.22 -2.57
CA TYR C 115 12.08 -10.44 -2.87
C TYR C 115 13.55 -10.40 -2.44
N PRO C 116 14.28 -9.29 -2.53
CA PRO C 116 15.67 -9.32 -2.04
C PRO C 116 15.78 -9.72 -0.58
N GLN C 117 14.81 -9.33 0.25
CA GLN C 117 14.86 -9.74 1.65
C GLN C 117 14.55 -11.22 1.80
N LEU C 118 13.60 -11.74 1.01
CA LEU C 118 13.37 -13.18 0.99
C LEU C 118 14.61 -13.93 0.54
N ALA C 119 15.33 -13.38 -0.43
CA ALA C 119 16.38 -14.14 -1.09
C ALA C 119 17.60 -14.34 -0.20
N LYS C 120 17.86 -13.43 0.73
CA LYS C 120 19.02 -13.55 1.61
C LYS C 120 18.68 -14.18 2.95
N SER C 121 17.47 -14.73 3.08
CA SER C 121 17.11 -15.56 4.23
C SER C 121 17.14 -17.03 3.81
N SER C 122 17.20 -17.91 4.82
CA SER C 122 17.07 -19.33 4.59
C SER C 122 15.64 -19.84 4.84
N ALA C 123 14.74 -18.99 5.32
CA ALA C 123 13.38 -19.41 5.63
C ALA C 123 12.69 -20.05 4.44
N LYS C 124 12.05 -21.20 4.69
CA LYS C 124 11.18 -21.77 3.69
C LYS C 124 9.93 -20.92 3.55
N LEU C 125 9.32 -20.94 2.37
CA LEU C 125 8.23 -20.03 2.02
C LEU C 125 7.00 -20.83 1.65
N VAL C 126 5.92 -20.68 2.43
CA VAL C 126 4.62 -21.23 2.08
C VAL C 126 3.91 -20.24 1.18
N VAL C 127 3.78 -20.58 -0.10
CA VAL C 127 3.25 -19.69 -1.11
C VAL C 127 1.78 -20.06 -1.31
N MET C 128 0.87 -19.18 -0.87
CA MET C 128 -0.56 -19.51 -0.88
C MET C 128 -1.26 -18.87 -2.07
N HIS C 129 -2.01 -19.68 -2.80
CA HIS C 129 -2.90 -19.19 -3.84
C HIS C 129 -4.23 -18.76 -3.23
N SER C 130 -4.80 -17.68 -3.77
CA SER C 130 -6.16 -17.30 -3.46
C SER C 130 -6.78 -16.70 -4.72
N VAL C 131 -8.10 -16.84 -4.84
CA VAL C 131 -8.80 -16.21 -5.95
C VAL C 131 -8.92 -14.71 -5.75
N GLN C 132 -8.72 -14.22 -4.52
CA GLN C 132 -8.74 -12.78 -4.30
C GLN C 132 -7.57 -12.10 -5.01
N ASP C 133 -6.35 -12.59 -4.77
CA ASP C 133 -5.15 -12.08 -5.44
C ASP C 133 -5.03 -10.56 -5.29
N GLY C 134 -5.13 -10.09 -4.06
CA GLY C 134 -5.13 -8.66 -3.75
C GLY C 134 -6.49 -8.02 -3.87
N GLN C 135 -7.23 -8.38 -4.93
CA GLN C 135 -8.61 -7.95 -5.12
C GLN C 135 -9.46 -8.65 -4.07
N ALA C 136 -9.48 -8.06 -2.86
CA ALA C 136 -10.12 -8.72 -1.72
C ALA C 136 -11.60 -8.97 -1.95
N ASP C 137 -12.27 -8.08 -2.70
CA ASP C 137 -13.68 -8.28 -2.99
C ASP C 137 -13.92 -9.42 -3.97
N ARG C 138 -12.89 -9.85 -4.70
CA ARG C 138 -13.04 -10.92 -5.67
C ARG C 138 -13.25 -12.24 -4.93
N ARG C 139 -14.37 -12.91 -5.20
CA ARG C 139 -14.79 -14.09 -4.46
C ARG C 139 -14.63 -15.38 -5.25
N GLU C 140 -14.38 -15.31 -6.56
CA GLU C 140 -14.35 -16.47 -7.43
C GLU C 140 -13.20 -16.35 -8.41
N ALA C 141 -12.68 -17.50 -8.84
CA ALA C 141 -11.70 -17.52 -9.91
C ALA C 141 -12.38 -17.20 -11.23
N PRO C 142 -11.62 -16.73 -12.23
CA PRO C 142 -12.19 -16.54 -13.57
C PRO C 142 -12.77 -17.84 -14.11
N ALA C 143 -13.50 -17.72 -15.20
CA ALA C 143 -14.16 -18.89 -15.79
C ALA C 143 -13.14 -19.95 -16.18
N GLY C 144 -13.48 -21.21 -15.91
CA GLY C 144 -12.64 -22.35 -16.21
C GLY C 144 -12.42 -23.21 -14.99
N ASP C 145 -11.52 -24.18 -15.12
CA ASP C 145 -11.24 -25.10 -14.03
C ASP C 145 -10.44 -24.39 -12.94
N ILE C 146 -10.87 -24.55 -11.68
CA ILE C 146 -10.14 -23.93 -10.58
C ILE C 146 -8.72 -24.46 -10.51
N MET C 147 -8.53 -25.74 -10.83
CA MET C 147 -7.20 -26.33 -10.74
C MET C 147 -6.29 -25.77 -11.83
N ASP C 148 -6.86 -25.46 -12.98
CA ASP C 148 -6.09 -24.80 -14.03
C ASP C 148 -5.68 -23.40 -13.61
N HIS C 149 -6.55 -22.70 -12.90
CA HIS C 149 -6.22 -21.35 -12.46
CA HIS C 149 -6.22 -21.34 -12.45
C HIS C 149 -5.16 -21.39 -11.36
N ILE C 150 -5.22 -22.38 -10.48
CA ILE C 150 -4.20 -22.51 -9.44
C ILE C 150 -2.85 -22.84 -10.06
N ALA C 151 -2.82 -23.75 -11.02
CA ALA C 151 -1.57 -24.09 -11.69
C ALA C 151 -0.96 -22.87 -12.37
N ALA C 152 -1.79 -22.06 -13.03
CA ALA C 152 -1.29 -20.87 -13.71
C ALA C 152 -0.77 -19.85 -12.71
N PHE C 153 -1.42 -19.74 -11.55
CA PHE C 153 -0.90 -18.88 -10.51
C PHE C 153 0.49 -19.32 -10.07
N PHE C 154 0.66 -20.61 -9.81
CA PHE C 154 1.95 -21.10 -9.34
C PHE C 154 3.01 -21.07 -10.43
N ASP C 155 2.61 -21.35 -11.67
CA ASP C 155 3.51 -21.16 -12.80
C ASP C 155 4.23 -19.82 -12.71
N ALA C 156 3.46 -18.73 -12.69
CA ALA C 156 4.06 -17.41 -12.70
C ALA C 156 4.76 -17.08 -11.39
N ARG C 157 4.14 -17.43 -10.25
CA ARG C 157 4.71 -17.01 -8.97
C ARG C 157 5.98 -17.78 -8.64
N ILE C 158 6.03 -19.07 -8.98
CA ILE C 158 7.26 -19.82 -8.75
C ILE C 158 8.39 -19.23 -9.58
N ALA C 159 8.11 -18.89 -10.85
CA ALA C 159 9.15 -18.32 -11.69
C ALA C 159 9.61 -16.97 -11.14
N ALA C 160 8.67 -16.14 -10.70
CA ALA C 160 9.06 -14.84 -10.16
C ALA C 160 9.96 -14.98 -8.95
N LEU C 161 9.63 -15.91 -8.04
CA LEU C 161 10.41 -16.08 -6.81
C LEU C 161 11.79 -16.68 -7.09
N THR C 162 11.86 -17.77 -7.86
CA THR C 162 13.15 -18.43 -8.08
C THR C 162 14.11 -17.57 -8.89
N GLY C 163 13.58 -16.78 -9.83
CA GLY C 163 14.44 -15.87 -10.56
C GLY C 163 15.02 -14.75 -9.72
N ALA C 164 14.40 -14.43 -8.59
CA ALA C 164 14.91 -13.38 -7.72
C ALA C 164 15.92 -13.90 -6.69
N GLY C 165 16.37 -15.14 -6.83
CA GLY C 165 17.37 -15.67 -5.93
C GLY C 165 16.83 -16.49 -4.78
N ILE C 166 15.59 -16.95 -4.86
CA ILE C 166 15.00 -17.83 -3.87
C ILE C 166 15.10 -19.24 -4.40
N LYS C 167 15.93 -20.07 -3.77
CA LYS C 167 16.16 -21.40 -4.31
C LYS C 167 14.86 -22.20 -4.27
N ARG C 168 14.61 -22.93 -5.36
CA ARG C 168 13.31 -23.59 -5.59
C ARG C 168 12.91 -24.48 -4.42
N ASN C 169 13.87 -25.13 -3.78
CA ASN C 169 13.49 -26.10 -2.75
C ASN C 169 13.13 -25.42 -1.43
N ARG C 170 13.16 -24.09 -1.38
CA ARG C 170 12.59 -23.38 -0.25
C ARG C 170 11.06 -23.30 -0.31
N LEU C 171 10.46 -23.67 -1.43
CA LEU C 171 9.06 -23.36 -1.70
C LEU C 171 8.13 -24.50 -1.30
N VAL C 172 7.05 -24.16 -0.60
CA VAL C 172 5.93 -25.04 -0.28
C VAL C 172 4.68 -24.41 -0.86
N LEU C 173 3.89 -25.18 -1.60
CA LEU C 173 2.73 -24.65 -2.31
C LEU C 173 1.45 -24.94 -1.52
N ASP C 174 0.70 -23.89 -1.19
CA ASP C 174 -0.61 -24.04 -0.56
C ASP C 174 -1.66 -23.57 -1.55
N PRO C 175 -2.50 -24.46 -2.10
CA PRO C 175 -3.47 -24.03 -3.13
C PRO C 175 -4.59 -23.16 -2.60
N GLY C 176 -4.72 -23.03 -1.28
CA GLY C 176 -5.83 -22.32 -0.68
C GLY C 176 -6.99 -23.24 -0.37
N MET C 177 -7.91 -22.75 0.45
CA MET C 177 -9.09 -23.53 0.76
C MET C 177 -10.18 -22.63 1.32
N GLY C 178 -11.42 -23.07 1.12
CA GLY C 178 -12.57 -22.33 1.61
C GLY C 178 -12.73 -20.98 0.96
N PHE C 179 -12.75 -19.93 1.79
CA PHE C 179 -12.96 -18.57 1.32
C PHE C 179 -11.96 -18.21 0.21
N PHE C 180 -10.70 -18.63 0.37
CA PHE C 180 -9.64 -18.32 -0.59
C PHE C 180 -9.84 -18.98 -1.95
N LEU C 181 -10.77 -19.92 -2.08
CA LEU C 181 -11.09 -20.58 -3.34
C LEU C 181 -12.43 -20.17 -3.93
N GLY C 182 -13.42 -19.88 -3.10
CA GLY C 182 -14.73 -19.52 -3.62
C GLY C 182 -15.82 -19.81 -2.60
N ALA C 183 -17.04 -19.46 -2.99
CA ALA C 183 -18.18 -19.58 -2.08
C ALA C 183 -18.70 -21.00 -2.00
N ALA C 184 -18.48 -21.80 -3.06
CA ALA C 184 -19.12 -23.10 -3.19
C ALA C 184 -18.29 -24.17 -2.49
N PRO C 185 -18.89 -24.97 -1.60
CA PRO C 185 -18.13 -26.07 -1.01
C PRO C 185 -17.59 -27.04 -2.05
N GLU C 186 -18.25 -27.17 -3.20
CA GLU C 186 -17.72 -28.03 -4.25
C GLU C 186 -16.35 -27.55 -4.73
N THR C 187 -16.08 -26.25 -4.61
CA THR C 187 -14.79 -25.75 -5.09
C THR C 187 -13.66 -26.17 -4.17
N SER C 188 -13.87 -26.08 -2.85
CA SER C 188 -12.87 -26.57 -1.90
C SER C 188 -12.72 -28.09 -2.03
N LEU C 189 -13.85 -28.77 -2.23
CA LEU C 189 -13.82 -30.22 -2.40
C LEU C 189 -13.02 -30.59 -3.63
N SER C 190 -13.11 -29.78 -4.69
CA SER C 190 -12.35 -30.07 -5.91
C SER C 190 -10.85 -30.02 -5.64
N VAL C 191 -10.40 -29.01 -4.89
CA VAL C 191 -8.98 -28.87 -4.57
C VAL C 191 -8.53 -29.96 -3.61
N LEU C 192 -9.35 -30.25 -2.59
CA LEU C 192 -9.01 -31.33 -1.67
C LEU C 192 -8.87 -32.67 -2.40
N ALA C 193 -9.65 -32.88 -3.46
CA ALA C 193 -9.58 -34.15 -4.19
C ALA C 193 -8.46 -34.19 -5.23
N ARG C 194 -8.01 -33.04 -5.75
CA ARG C 194 -7.17 -33.02 -6.94
C ARG C 194 -5.83 -32.31 -6.76
N PHE C 195 -5.43 -31.97 -5.54
CA PHE C 195 -4.16 -31.26 -5.34
C PHE C 195 -2.94 -32.06 -5.78
N ASP C 196 -3.07 -33.40 -5.90
CA ASP C 196 -1.95 -34.20 -6.37
C ASP C 196 -1.49 -33.74 -7.76
N GLU C 197 -2.39 -33.18 -8.55
CA GLU C 197 -2.01 -32.62 -9.85
C GLU C 197 -0.97 -31.50 -9.70
N LEU C 198 -1.03 -30.74 -8.60
CA LEU C 198 -0.03 -29.70 -8.38
C LEU C 198 1.31 -30.30 -7.97
N ARG C 199 1.30 -31.34 -7.14
CA ARG C 199 2.56 -32.01 -6.80
C ARG C 199 3.24 -32.55 -8.05
N LEU C 200 2.47 -33.11 -8.97
CA LEU C 200 3.04 -33.67 -10.19
C LEU C 200 3.55 -32.57 -11.12
N ARG C 201 2.81 -31.47 -11.23
CA ARG C 201 3.16 -30.48 -12.24
C ARG C 201 4.37 -29.67 -11.82
N PHE C 202 4.60 -29.48 -10.53
CA PHE C 202 5.71 -28.65 -10.07
C PHE C 202 6.78 -29.41 -9.29
N ASP C 203 6.52 -30.66 -8.89
CA ASP C 203 7.48 -31.44 -8.11
C ASP C 203 7.88 -30.70 -6.84
N LEU C 204 6.91 -30.06 -6.20
CA LEU C 204 7.12 -29.32 -4.96
C LEU C 204 6.12 -29.81 -3.93
N PRO C 205 6.48 -29.76 -2.65
CA PRO C 205 5.54 -30.21 -1.61
C PRO C 205 4.33 -29.29 -1.53
N VAL C 206 3.20 -29.86 -1.11
CA VAL C 206 1.94 -29.13 -1.04
C VAL C 206 1.45 -29.15 0.40
N LEU C 207 1.01 -27.99 0.88
CA LEU C 207 0.43 -27.82 2.21
C LEU C 207 -1.08 -27.62 2.09
N LEU C 208 -1.84 -28.31 2.94
CA LEU C 208 -3.29 -28.16 2.93
C LEU C 208 -3.76 -27.73 4.31
N SER C 209 -4.77 -26.87 4.32
CA SER C 209 -5.35 -26.39 5.57
C SER C 209 -6.86 -26.43 5.38
N VAL C 210 -7.48 -27.52 5.83
CA VAL C 210 -8.94 -27.64 5.80
C VAL C 210 -9.55 -27.41 7.17
N SER C 211 -8.74 -27.39 8.22
CA SER C 211 -9.23 -27.48 9.58
C SER C 211 -10.27 -26.42 9.86
N ARG C 212 -11.48 -26.86 10.20
CA ARG C 212 -12.57 -26.02 10.65
C ARG C 212 -13.04 -25.02 9.59
N LYS C 213 -12.71 -25.25 8.33
CA LYS C 213 -13.22 -24.39 7.26
C LYS C 213 -14.72 -24.60 7.11
N SER C 214 -15.43 -23.51 6.79
CA SER C 214 -16.90 -23.54 6.87
C SER C 214 -17.50 -24.55 5.91
N PHE C 215 -16.82 -24.85 4.80
CA PHE C 215 -17.43 -25.74 3.81
C PHE C 215 -17.68 -27.13 4.40
N LEU C 216 -16.89 -27.55 5.39
CA LEU C 216 -17.15 -28.85 6.02
C LEU C 216 -18.50 -28.87 6.71
N ARG C 217 -18.97 -27.71 7.18
CA ARG C 217 -20.26 -27.65 7.85
C ARG C 217 -21.39 -28.09 6.93
N ALA C 218 -21.26 -27.85 5.62
CA ALA C 218 -22.27 -28.30 4.68
C ALA C 218 -22.35 -29.82 4.58
N LEU C 219 -21.35 -30.54 5.10
CA LEU C 219 -21.30 -31.99 4.99
C LEU C 219 -21.64 -32.71 6.30
N THR C 220 -21.66 -32.00 7.43
CA THR C 220 -22.19 -32.61 8.62
C THR C 220 -23.73 -32.66 8.53
N GLY C 221 -24.33 -33.49 9.35
CA GLY C 221 -25.74 -33.74 9.20
C GLY C 221 -26.59 -32.84 10.07
N ARG C 222 -27.66 -33.39 10.61
CA ARG C 222 -28.45 -32.69 11.62
C ARG C 222 -27.92 -33.07 12.99
N GLY C 223 -27.89 -32.09 13.89
CA GLY C 223 -27.35 -32.30 15.21
C GLY C 223 -26.67 -31.07 15.75
N PRO C 224 -25.91 -31.23 16.85
CA PRO C 224 -25.18 -30.08 17.41
C PRO C 224 -24.33 -29.33 16.40
N GLY C 225 -23.75 -30.01 15.43
CA GLY C 225 -22.99 -29.36 14.39
C GLY C 225 -21.48 -29.34 14.58
N ASP C 226 -20.94 -30.16 15.48
CA ASP C 226 -19.49 -30.22 15.64
C ASP C 226 -18.82 -30.66 14.34
N VAL C 227 -17.68 -30.03 14.03
CA VAL C 227 -16.97 -30.25 12.78
C VAL C 227 -15.69 -31.04 12.95
N GLY C 228 -15.39 -31.50 14.17
CA GLY C 228 -14.11 -32.17 14.41
C GLY C 228 -13.97 -33.47 13.63
N ALA C 229 -15.05 -34.24 13.52
CA ALA C 229 -14.97 -35.52 12.81
C ALA C 229 -14.82 -35.31 11.31
N ALA C 230 -15.59 -34.37 10.75
CA ALA C 230 -15.45 -34.04 9.34
C ALA C 230 -14.05 -33.51 9.04
N THR C 231 -13.51 -32.66 9.92
CA THR C 231 -12.14 -32.17 9.76
C THR C 231 -11.14 -33.33 9.69
N LEU C 232 -11.24 -34.27 10.64
CA LEU C 232 -10.29 -35.38 10.65
C LEU C 232 -10.38 -36.19 9.36
N ALA C 233 -11.61 -36.48 8.91
CA ALA C 233 -11.78 -37.25 7.67
C ALA C 233 -11.15 -36.54 6.48
N ALA C 234 -11.32 -35.21 6.42
CA ALA C 234 -10.73 -34.48 5.30
C ALA C 234 -9.21 -34.48 5.40
N GLU C 235 -8.66 -34.35 6.61
CA GLU C 235 -7.21 -34.35 6.78
C GLU C 235 -6.61 -35.72 6.51
N LEU C 236 -7.29 -36.78 6.92
CA LEU C 236 -6.81 -38.12 6.59
C LEU C 236 -6.88 -38.36 5.10
N ALA C 237 -7.95 -37.87 4.44
CA ALA C 237 -8.02 -37.97 3.00
C ALA C 237 -6.88 -37.21 2.33
N ALA C 238 -6.57 -36.02 2.83
CA ALA C 238 -5.44 -35.27 2.28
C ALA C 238 -4.13 -36.04 2.45
N ALA C 239 -3.92 -36.61 3.64
CA ALA C 239 -2.73 -37.41 3.88
C ALA C 239 -2.65 -38.59 2.92
N ALA C 240 -3.76 -39.32 2.77
CA ALA C 240 -3.78 -40.44 1.84
C ALA C 240 -3.57 -39.99 0.41
N GLY C 241 -3.99 -38.77 0.08
CA GLY C 241 -3.79 -38.19 -1.22
C GLY C 241 -2.42 -37.61 -1.47
N GLY C 242 -1.49 -37.67 -0.52
CA GLY C 242 -0.13 -37.25 -0.74
C GLY C 242 0.27 -35.91 -0.18
N ALA C 243 -0.58 -35.26 0.61
CA ALA C 243 -0.24 -33.96 1.20
C ALA C 243 1.07 -34.03 1.97
N ASP C 244 1.97 -33.08 1.71
CA ASP C 244 3.25 -33.06 2.39
C ASP C 244 3.20 -32.36 3.74
N PHE C 245 2.30 -31.39 3.87
CA PHE C 245 2.09 -30.62 5.08
C PHE C 245 0.59 -30.53 5.30
N ILE C 246 0.17 -30.56 6.57
CA ILE C 246 -1.22 -30.28 6.92
C ILE C 246 -1.20 -29.28 8.06
N ARG C 247 -1.97 -28.21 7.93
CA ARG C 247 -2.03 -27.16 8.93
C ARG C 247 -3.38 -27.30 9.63
N THR C 248 -3.35 -27.44 10.96
CA THR C 248 -4.56 -27.85 11.66
C THR C 248 -4.62 -27.23 13.04
N HIS C 249 -5.84 -27.15 13.56
CA HIS C 249 -6.03 -26.67 14.93
C HIS C 249 -5.82 -27.76 15.97
N GLU C 250 -5.94 -29.03 15.58
CA GLU C 250 -5.88 -30.17 16.49
C GLU C 250 -4.94 -31.24 15.97
N PRO C 251 -3.65 -31.15 16.28
CA PRO C 251 -2.70 -32.18 15.82
C PRO C 251 -2.97 -33.57 16.37
N ARG C 252 -3.50 -33.68 17.59
CA ARG C 252 -3.56 -34.99 18.25
C ARG C 252 -4.49 -35.97 17.55
N PRO C 253 -5.74 -35.63 17.22
CA PRO C 253 -6.57 -36.58 16.46
C PRO C 253 -5.94 -36.96 15.14
N LEU C 254 -5.24 -36.01 14.50
CA LEU C 254 -4.62 -36.30 13.22
C LEU C 254 -3.44 -37.25 13.37
N ARG C 255 -2.60 -37.04 14.39
CA ARG C 255 -1.51 -37.99 14.67
C ARG C 255 -2.06 -39.38 14.95
N ASP C 256 -3.07 -39.48 15.82
CA ASP C 256 -3.71 -40.77 16.10
C ASP C 256 -4.23 -41.42 14.83
N GLY C 257 -4.94 -40.66 14.01
CA GLY C 257 -5.48 -41.22 12.77
C GLY C 257 -4.38 -41.66 11.82
N LEU C 258 -3.34 -40.85 11.69
CA LEU C 258 -2.21 -41.22 10.83
C LEU C 258 -1.52 -42.49 11.33
N ALA C 259 -1.44 -42.67 12.64
CA ALA C 259 -0.78 -43.87 13.17
C ALA C 259 -1.55 -45.12 12.82
N VAL C 260 -2.88 -45.03 12.78
CA VAL C 260 -3.71 -46.16 12.33
C VAL C 260 -3.45 -46.45 10.87
N LEU C 261 -3.48 -45.41 10.03
CA LEU C 261 -3.25 -45.63 8.60
C LEU C 261 -1.85 -46.15 8.33
N ALA C 262 -0.85 -45.70 9.11
CA ALA C 262 0.51 -46.21 8.91
C ALA C 262 0.64 -47.68 9.28
N ALA C 263 0.02 -48.09 10.40
CA ALA C 263 0.08 -49.49 10.79
C ALA C 263 -0.65 -50.36 9.79
N LEU C 264 -1.75 -49.87 9.23
CA LEU C 264 -2.46 -50.63 8.21
C LEU C 264 -1.62 -50.77 6.94
N LYS C 265 -0.97 -49.68 6.52
CA LYS C 265 -0.13 -49.74 5.32
C LYS C 265 1.04 -50.69 5.52
N GLU C 266 1.66 -50.63 6.70
CA GLU C 266 2.76 -51.54 7.01
C GLU C 266 2.28 -52.98 7.04
N THR C 267 1.07 -53.22 7.56
CA THR C 267 0.50 -54.57 7.57
C THR C 267 0.33 -55.10 6.16
N ALA C 268 -0.14 -54.23 5.25
CA ALA C 268 -0.42 -54.67 3.88
C ALA C 268 0.86 -54.87 3.09
N ARG C 269 1.87 -54.03 3.34
CA ARG C 269 3.13 -54.17 2.61
C ARG C 269 3.85 -55.45 3.01
N ILE C 270 3.91 -55.76 4.30
CA ILE C 270 4.60 -56.95 4.77
C ILE C 270 3.75 -58.19 4.48
N ASN D 2 -24.03 5.15 18.08
CA ASN D 2 -23.67 4.86 16.68
C ASN D 2 -22.18 4.57 16.53
N LYS D 3 -21.79 4.04 15.37
CA LYS D 3 -20.43 3.56 15.16
C LYS D 3 -19.46 4.65 14.70
N SER D 4 -19.95 5.73 14.11
CA SER D 4 -19.06 6.83 13.74
C SER D 4 -18.58 7.58 14.99
N LEU D 5 -17.46 8.28 14.85
CA LEU D 5 -16.84 8.95 15.99
C LEU D 5 -17.74 10.04 16.54
N ILE D 6 -18.01 9.98 17.83
CA ILE D 6 -18.87 10.95 18.50
C ILE D 6 -17.97 11.97 19.19
N ILE D 7 -18.22 13.26 18.93
CA ILE D 7 -17.41 14.33 19.51
C ILE D 7 -18.22 14.99 20.61
N PHE D 8 -17.63 15.04 21.81
CA PHE D 8 -18.14 15.84 22.92
C PHE D 8 -17.45 17.19 22.88
N GLY D 9 -18.21 18.28 22.83
CA GLY D 9 -17.62 19.62 22.91
C GLY D 9 -17.63 20.13 24.33
N ILE D 10 -16.46 20.55 24.82
CA ILE D 10 -16.28 20.96 26.21
C ILE D 10 -16.84 22.36 26.43
N VAL D 11 -17.70 22.51 27.45
CA VAL D 11 -18.15 23.82 27.90
C VAL D 11 -18.02 23.84 29.42
N ASN D 12 -17.04 24.57 29.94
CA ASN D 12 -16.79 24.67 31.37
C ASN D 12 -17.17 26.05 31.90
N ILE D 13 -17.96 26.07 32.98
CA ILE D 13 -18.41 27.34 33.54
C ILE D 13 -17.22 28.12 34.10
N THR D 14 -16.27 27.43 34.72
CA THR D 14 -15.10 28.06 35.31
C THR D 14 -13.86 27.26 34.93
N SER D 15 -12.76 27.98 34.72
CA SER D 15 -11.56 27.33 34.23
C SER D 15 -10.34 28.19 34.56
N ASP D 16 -9.18 27.54 34.56
CA ASP D 16 -7.95 28.11 35.09
C ASP D 16 -7.15 28.76 33.97
N SER D 17 -7.03 30.09 34.02
CA SER D 17 -6.26 30.86 33.04
C SER D 17 -6.68 30.56 31.61
N PHE D 18 -7.82 29.88 31.47
CA PHE D 18 -8.29 29.38 30.20
C PHE D 18 -8.87 30.53 29.37
N SER D 19 -8.96 30.31 28.07
CA SER D 19 -9.21 31.42 27.14
C SER D 19 -10.19 31.02 26.06
N ASP D 20 -11.31 30.38 26.42
CA ASP D 20 -12.37 30.12 25.45
C ASP D 20 -13.52 31.12 25.54
N GLY D 21 -13.89 31.52 26.76
CA GLY D 21 -14.81 32.63 26.94
C GLY D 21 -14.47 33.38 28.20
N GLY D 22 -13.23 33.21 28.66
CA GLY D 22 -12.79 33.72 29.94
C GLY D 22 -12.72 32.62 30.99
N ARG D 23 -12.17 32.99 32.15
CA ARG D 23 -12.13 32.06 33.27
C ARG D 23 -13.53 31.80 33.85
N TYR D 24 -14.49 32.68 33.59
CA TYR D 24 -15.87 32.48 34.05
C TYR D 24 -16.82 32.62 32.87
N LEU D 25 -17.71 31.64 32.71
CA LEU D 25 -18.74 31.67 31.68
C LEU D 25 -20.11 31.88 32.33
N ALA D 26 -20.62 33.10 32.25
CA ALA D 26 -22.00 33.38 32.62
C ALA D 26 -22.94 32.51 31.78
N PRO D 27 -24.18 32.29 32.25
CA PRO D 27 -25.09 31.39 31.52
C PRO D 27 -25.23 31.73 30.04
N ASP D 28 -25.45 33.00 29.70
CA ASP D 28 -25.63 33.36 28.29
C ASP D 28 -24.37 33.08 27.49
N ALA D 29 -23.20 33.29 28.08
CA ALA D 29 -21.95 32.99 27.38
C ALA D 29 -21.73 31.49 27.24
N ALA D 30 -22.21 30.69 28.20
CA ALA D 30 -22.11 29.24 28.08
C ALA D 30 -23.02 28.70 26.98
N ILE D 31 -24.24 29.23 26.89
CA ILE D 31 -25.15 28.84 25.82
C ILE D 31 -24.57 29.20 24.46
N ALA D 32 -23.93 30.38 24.34
CA ALA D 32 -23.32 30.76 23.08
C ALA D 32 -22.15 29.84 22.72
N GLN D 33 -21.32 29.51 23.71
CA GLN D 33 -20.23 28.57 23.48
C GLN D 33 -20.76 27.22 23.06
N ALA D 34 -21.88 26.79 23.66
CA ALA D 34 -22.46 25.50 23.33
C ALA D 34 -22.97 25.46 21.90
N ARG D 35 -23.70 26.49 21.48
CA ARG D 35 -24.18 26.52 20.11
C ARG D 35 -23.04 26.64 19.11
N LYS D 36 -21.98 27.36 19.48
CA LYS D 36 -20.82 27.49 18.60
C LYS D 36 -20.14 26.13 18.39
N LEU D 37 -20.01 25.36 19.47
CA LEU D 37 -19.33 24.08 19.40
C LEU D 37 -20.11 23.10 18.51
N MET D 38 -21.44 23.15 18.57
CA MET D 38 -22.23 22.28 17.71
C MET D 38 -22.19 22.72 16.25
N ALA D 39 -22.16 24.03 16.00
CA ALA D 39 -21.97 24.50 14.64
C ALA D 39 -20.63 24.05 14.07
N GLU D 40 -19.62 23.88 14.94
CA GLU D 40 -18.29 23.47 14.50
C GLU D 40 -18.13 21.96 14.40
N GLY D 41 -19.16 21.17 14.72
CA GLY D 41 -19.12 19.74 14.50
C GLY D 41 -19.22 18.87 15.74
N ALA D 42 -19.40 19.42 16.94
CA ALA D 42 -19.67 18.57 18.08
C ALA D 42 -21.01 17.87 17.90
N ASP D 43 -21.12 16.67 18.46
CA ASP D 43 -22.41 15.98 18.55
C ASP D 43 -23.09 16.15 19.89
N VAL D 44 -22.31 16.34 20.96
CA VAL D 44 -22.82 16.44 22.32
C VAL D 44 -22.02 17.54 23.00
N ILE D 45 -22.67 18.27 23.92
CA ILE D 45 -21.97 19.26 24.72
C ILE D 45 -21.70 18.66 26.10
N ASP D 46 -20.43 18.58 26.47
CA ASP D 46 -20.02 18.10 27.79
C ASP D 46 -19.91 19.31 28.70
N LEU D 47 -20.93 19.53 29.51
CA LEU D 47 -21.10 20.75 30.29
C LEU D 47 -20.62 20.53 31.72
N GLY D 48 -19.63 21.30 32.15
CA GLY D 48 -19.05 21.13 33.46
C GLY D 48 -19.14 22.38 34.33
N PRO D 49 -19.75 22.24 35.49
CA PRO D 49 -19.89 23.40 36.41
C PRO D 49 -18.67 23.66 37.28
N ALA D 50 -17.92 22.63 37.63
CA ALA D 50 -16.87 22.74 38.66
C ALA D 50 -15.50 22.97 38.03
N SER D 51 -14.52 23.21 38.89
CA SER D 51 -13.14 23.44 38.47
C SER D 51 -12.42 22.12 38.16
N SER D 52 -11.19 22.22 37.66
CA SER D 52 -10.42 21.03 37.31
C SER D 52 -9.47 20.46 38.37
N ASN D 53 -8.33 21.13 38.55
CA ASN D 53 -7.30 20.70 39.50
C ASN D 53 -7.82 20.47 40.93
N PRO D 54 -7.30 19.41 41.57
CA PRO D 54 -7.65 19.03 42.94
C PRO D 54 -7.37 20.14 43.95
N ASP D 55 -6.47 21.06 43.62
CA ASP D 55 -6.15 22.14 44.54
C ASP D 55 -7.22 23.22 44.57
N ALA D 56 -8.19 23.19 43.68
CA ALA D 56 -9.32 24.12 43.73
C ALA D 56 -10.29 23.68 44.82
N ALA D 57 -10.98 24.67 45.39
CA ALA D 57 -11.95 24.38 46.44
C ALA D 57 -13.22 23.78 45.85
N PRO D 58 -13.63 22.58 46.25
CA PRO D 58 -14.88 22.04 45.73
C PRO D 58 -16.06 22.83 46.29
N VAL D 59 -17.02 23.13 45.42
CA VAL D 59 -18.17 23.92 45.79
C VAL D 59 -19.35 22.99 46.05
N SER D 60 -20.43 23.56 46.58
CA SER D 60 -21.63 22.78 46.89
C SER D 60 -22.37 22.40 45.62
N SER D 61 -23.21 21.37 45.73
CA SER D 61 -24.01 20.95 44.59
C SER D 61 -25.01 22.03 44.20
N ASP D 62 -25.61 22.69 45.20
CA ASP D 62 -26.46 23.85 44.90
C ASP D 62 -25.72 24.86 44.03
N THR D 63 -24.45 25.13 44.35
CA THR D 63 -23.69 26.09 43.54
C THR D 63 -23.47 25.54 42.14
N GLU D 64 -23.13 24.26 42.04
CA GLU D 64 -23.00 23.61 40.73
C GLU D 64 -24.29 23.71 39.93
N ILE D 65 -25.42 23.38 40.54
CA ILE D 65 -26.69 23.41 39.83
C ILE D 65 -27.02 24.83 39.37
N ALA D 66 -26.76 25.82 40.24
CA ALA D 66 -27.02 27.21 39.84
C ALA D 66 -26.20 27.62 38.64
N ARG D 67 -24.98 27.08 38.50
CA ARG D 67 -24.13 27.41 37.37
C ARG D 67 -24.63 26.80 36.05
N ILE D 68 -25.42 25.73 36.11
CA ILE D 68 -25.79 24.99 34.91
C ILE D 68 -27.29 24.99 34.63
N ALA D 69 -28.15 25.32 35.59
CA ALA D 69 -29.58 25.13 35.40
C ALA D 69 -30.14 25.86 34.18
N PRO D 70 -29.88 27.16 33.97
CA PRO D 70 -30.43 27.79 32.76
C PRO D 70 -29.72 27.38 31.47
N VAL D 71 -28.48 26.87 31.55
CA VAL D 71 -27.83 26.34 30.35
C VAL D 71 -28.55 25.10 29.85
N LEU D 72 -28.87 24.17 30.76
CA LEU D 72 -29.58 22.96 30.34
C LEU D 72 -30.94 23.30 29.74
N ASP D 73 -31.64 24.26 30.34
CA ASP D 73 -32.94 24.67 29.81
C ASP D 73 -32.82 25.10 28.34
N ALA D 74 -31.87 25.99 28.05
CA ALA D 74 -31.73 26.50 26.71
C ALA D 74 -31.29 25.41 25.74
N LEU D 75 -30.32 24.59 26.12
CA LEU D 75 -29.85 23.55 25.21
C LEU D 75 -30.94 22.52 24.95
N LYS D 76 -31.70 22.16 25.98
CA LYS D 76 -32.83 21.26 25.76
C LYS D 76 -33.82 21.87 24.81
N ALA D 77 -34.08 23.18 24.95
CA ALA D 77 -34.93 23.89 23.99
C ALA D 77 -34.36 23.82 22.59
N ASP D 78 -33.03 23.90 22.44
CA ASP D 78 -32.41 23.82 21.12
C ASP D 78 -32.22 22.40 20.61
N GLY D 79 -32.51 21.38 21.41
CA GLY D 79 -32.27 20.02 20.98
C GLY D 79 -30.80 19.65 20.93
N ILE D 80 -29.98 20.23 21.81
CA ILE D 80 -28.55 20.01 21.83
C ILE D 80 -28.26 18.96 22.91
N PRO D 81 -27.81 17.76 22.54
CA PRO D 81 -27.58 16.73 23.55
C PRO D 81 -26.53 17.15 24.55
N VAL D 82 -26.74 16.80 25.82
CA VAL D 82 -25.88 17.23 26.92
C VAL D 82 -25.34 16.02 27.67
N SER D 83 -24.04 16.02 27.91
CA SER D 83 -23.39 15.18 28.90
C SER D 83 -23.04 16.09 30.08
N LEU D 84 -23.64 15.84 31.24
CA LEU D 84 -23.44 16.71 32.38
C LEU D 84 -22.24 16.16 33.14
N ASP D 85 -21.17 16.95 33.17
CA ASP D 85 -19.88 16.54 33.72
C ASP D 85 -19.81 17.00 35.17
N SER D 86 -20.17 16.11 36.09
CA SER D 86 -20.13 16.45 37.51
C SER D 86 -19.92 15.18 38.33
N TYR D 87 -19.17 15.31 39.41
CA TYR D 87 -18.93 14.18 40.31
C TYR D 87 -19.83 14.22 41.55
N GLN D 88 -20.66 15.24 41.69
CA GLN D 88 -21.51 15.38 42.87
C GLN D 88 -22.83 14.67 42.64
N PRO D 89 -23.16 13.64 43.44
CA PRO D 89 -24.42 12.89 43.19
C PRO D 89 -25.67 13.76 43.15
N ALA D 90 -25.80 14.77 44.02
CA ALA D 90 -26.97 15.64 43.96
C ALA D 90 -27.04 16.35 42.61
N THR D 91 -25.90 16.81 42.08
CA THR D 91 -25.91 17.42 40.76
C THR D 91 -26.31 16.39 39.69
N GLN D 92 -25.78 15.16 39.80
CA GLN D 92 -26.14 14.12 38.85
C GLN D 92 -27.64 13.81 38.90
N ALA D 93 -28.20 13.72 40.11
CA ALA D 93 -29.64 13.49 40.24
C ALA D 93 -30.46 14.62 39.61
N TYR D 94 -30.06 15.87 39.87
CA TYR D 94 -30.72 16.99 39.20
C TYR D 94 -30.62 16.83 37.70
N ALA D 95 -29.42 16.52 37.20
CA ALA D 95 -29.22 16.38 35.75
C ALA D 95 -30.09 15.28 35.17
N LEU D 96 -30.13 14.12 35.83
CA LEU D 96 -31.03 13.06 35.40
C LEU D 96 -32.48 13.52 35.40
N SER D 97 -32.88 14.30 36.42
CA SER D 97 -34.25 14.77 36.47
C SER D 97 -34.58 15.73 35.33
N ARG D 98 -33.57 16.35 34.73
CA ARG D 98 -33.81 17.26 33.61
C ARG D 98 -33.68 16.56 32.25
N GLY D 99 -33.30 15.28 32.24
CA GLY D 99 -33.31 14.49 31.02
C GLY D 99 -32.06 14.55 30.16
N VAL D 100 -30.87 14.63 30.78
CA VAL D 100 -29.66 14.75 29.97
C VAL D 100 -29.34 13.41 29.32
N ALA D 101 -28.59 13.47 28.22
CA ALA D 101 -28.23 12.27 27.48
C ALA D 101 -27.11 11.46 28.15
N TYR D 102 -26.16 12.12 28.80
CA TYR D 102 -25.09 11.43 29.51
C TYR D 102 -24.84 12.07 30.85
N LEU D 103 -24.39 11.26 31.80
CA LEU D 103 -23.64 11.72 32.95
C LEU D 103 -22.18 11.36 32.74
N ASN D 104 -21.28 12.29 33.06
CA ASN D 104 -19.85 12.09 32.92
C ASN D 104 -19.22 12.38 34.28
N ASP D 105 -18.66 11.36 34.92
CA ASP D 105 -18.23 11.48 36.31
C ASP D 105 -16.74 11.18 36.38
N ILE D 106 -15.95 12.19 36.78
CA ILE D 106 -14.52 11.97 36.92
C ILE D 106 -14.20 11.06 38.10
N ARG D 107 -15.24 10.72 38.87
CA ARG D 107 -15.10 9.82 40.00
C ARG D 107 -15.50 8.40 39.61
N GLY D 108 -16.11 8.27 38.42
CA GLY D 108 -16.54 6.96 37.94
C GLY D 108 -17.66 6.31 38.72
N PHE D 109 -18.54 7.11 39.33
CA PHE D 109 -19.70 6.59 40.07
C PHE D 109 -19.25 5.58 41.13
N PRO D 110 -18.50 6.03 42.14
CA PRO D 110 -17.89 5.10 43.09
C PRO D 110 -18.76 4.71 44.26
N ASP D 111 -19.93 5.34 44.41
CA ASP D 111 -20.80 5.19 45.58
C ASP D 111 -22.00 4.32 45.21
N ALA D 112 -21.95 3.03 45.57
CA ALA D 112 -23.00 2.10 45.17
C ALA D 112 -24.35 2.46 45.79
N ALA D 113 -24.35 3.13 46.95
CA ALA D 113 -25.61 3.50 47.58
C ALA D 113 -26.40 4.46 46.71
N PHE D 114 -25.76 5.12 45.74
CA PHE D 114 -26.43 6.00 44.79
C PHE D 114 -26.92 5.25 43.55
N TYR D 115 -26.43 4.03 43.31
CA TYR D 115 -26.79 3.31 42.09
C TYR D 115 -28.30 3.17 41.87
N PRO D 116 -29.13 3.02 42.90
CA PRO D 116 -30.58 3.03 42.65
C PRO D 116 -31.05 4.25 41.90
N GLN D 117 -30.44 5.41 42.13
CA GLN D 117 -30.86 6.60 41.39
C GLN D 117 -30.41 6.52 39.93
N LEU D 118 -29.22 5.95 39.68
CA LEU D 118 -28.76 5.77 38.30
C LEU D 118 -29.61 4.76 37.54
N ALA D 119 -30.01 3.67 38.21
CA ALA D 119 -30.78 2.62 37.57
C ALA D 119 -32.17 3.10 37.16
N LYS D 120 -32.67 4.19 37.75
CA LYS D 120 -33.97 4.72 37.39
C LYS D 120 -33.95 5.39 36.02
N SER D 121 -32.81 5.92 35.62
CA SER D 121 -32.67 6.68 34.38
C SER D 121 -32.18 5.81 33.23
N SER D 122 -32.29 6.35 32.03
CA SER D 122 -31.74 5.74 30.82
C SER D 122 -30.53 6.48 30.28
N ALA D 123 -30.14 7.58 30.90
CA ALA D 123 -28.95 8.31 30.48
C ALA D 123 -27.74 7.39 30.44
N LYS D 124 -26.91 7.55 29.41
CA LYS D 124 -25.67 6.80 29.39
C LYS D 124 -24.71 7.39 30.43
N LEU D 125 -23.75 6.57 30.83
CA LEU D 125 -22.82 6.92 31.89
C LEU D 125 -21.40 6.81 31.37
N VAL D 126 -20.68 7.93 31.34
CA VAL D 126 -19.26 7.93 31.03
C VAL D 126 -18.52 7.66 32.34
N VAL D 127 -18.01 6.44 32.47
CA VAL D 127 -17.32 5.98 33.67
C VAL D 127 -15.84 6.28 33.49
N MET D 128 -15.30 7.22 34.24
CA MET D 128 -13.92 7.58 34.03
C MET D 128 -13.05 7.00 35.15
N HIS D 129 -11.95 6.39 34.74
CA HIS D 129 -10.92 5.95 35.67
C HIS D 129 -10.00 7.11 36.04
N SER D 130 -9.53 7.08 37.29
CA SER D 130 -8.48 7.98 37.76
C SER D 130 -7.66 7.23 38.79
N VAL D 131 -6.38 7.60 38.90
CA VAL D 131 -5.56 7.04 39.96
C VAL D 131 -5.92 7.60 41.33
N GLN D 132 -6.75 8.65 41.34
CA GLN D 132 -7.27 9.24 42.57
C GLN D 132 -8.45 8.45 43.14
N ASP D 133 -8.98 7.46 42.41
CA ASP D 133 -10.06 6.65 42.96
C ASP D 133 -9.60 5.95 44.23
N GLY D 134 -8.31 5.63 44.24
CA GLY D 134 -7.57 5.08 45.37
C GLY D 134 -7.25 6.32 46.16
N GLN D 135 -7.67 6.33 47.42
CA GLN D 135 -7.61 7.48 48.31
C GLN D 135 -8.32 8.59 47.55
N ALA D 136 -7.70 9.75 47.56
CA ALA D 136 -8.12 10.92 46.83
C ALA D 136 -6.86 11.67 46.51
N ASP D 137 -5.87 11.61 47.38
CA ASP D 137 -4.64 12.32 47.13
C ASP D 137 -3.58 11.53 46.39
N ARG D 138 -3.92 10.34 45.95
CA ARG D 138 -3.03 9.52 45.16
C ARG D 138 -2.69 10.25 43.86
N ARG D 139 -1.40 10.30 43.53
CA ARG D 139 -0.93 10.97 42.34
C ARG D 139 -0.58 10.01 41.22
N GLU D 140 -0.27 8.75 41.54
CA GLU D 140 0.17 7.77 40.56
C GLU D 140 -0.52 6.44 40.83
N ALA D 141 -0.58 5.61 39.80
CA ALA D 141 -1.15 4.27 39.94
C ALA D 141 -0.22 3.40 40.78
N PRO D 142 -0.75 2.32 41.37
CA PRO D 142 0.14 1.37 42.04
C PRO D 142 1.13 0.76 41.06
N ALA D 143 2.18 0.15 41.62
CA ALA D 143 3.22 -0.45 40.80
C ALA D 143 2.63 -1.44 39.80
N GLY D 144 3.15 -1.41 38.58
CA GLY D 144 2.66 -2.27 37.52
C GLY D 144 2.14 -1.47 36.34
N ASP D 145 1.78 -2.21 35.30
CA ASP D 145 1.35 -1.61 34.05
C ASP D 145 0.05 -0.83 34.26
N ILE D 146 0.04 0.43 33.80
CA ILE D 146 -1.13 1.28 33.99
C ILE D 146 -2.36 0.65 33.36
N MET D 147 -2.20 -0.03 32.22
CA MET D 147 -3.37 -0.62 31.57
C MET D 147 -3.93 -1.80 32.35
N ASP D 148 -3.08 -2.55 33.06
CA ASP D 148 -3.59 -3.59 33.94
C ASP D 148 -4.39 -2.99 35.09
N HIS D 149 -3.93 -1.88 35.66
CA HIS D 149 -4.70 -1.25 36.73
CA HIS D 149 -4.69 -1.24 36.73
C HIS D 149 -6.00 -0.67 36.22
N ILE D 150 -5.99 -0.09 35.01
CA ILE D 150 -7.22 0.47 34.45
C ILE D 150 -8.22 -0.63 34.12
N ALA D 151 -7.73 -1.75 33.57
CA ALA D 151 -8.63 -2.85 33.25
C ALA D 151 -9.28 -3.41 34.51
N ALA D 152 -8.50 -3.55 35.59
CA ALA D 152 -9.06 -4.07 36.85
C ALA D 152 -10.07 -3.09 37.44
N PHE D 153 -9.82 -1.79 37.28
CA PHE D 153 -10.78 -0.79 37.72
C PHE D 153 -12.12 -0.95 37.00
N PHE D 154 -12.09 -1.05 35.68
CA PHE D 154 -13.35 -1.15 34.94
C PHE D 154 -14.02 -2.50 35.17
N ASP D 155 -13.23 -3.56 35.30
CA ASP D 155 -13.86 -4.86 35.51
C ASP D 155 -14.66 -4.85 36.82
N ALA D 156 -14.11 -4.20 37.85
CA ALA D 156 -14.82 -4.07 39.11
C ALA D 156 -15.96 -3.06 39.04
N ARG D 157 -15.73 -1.90 38.43
CA ARG D 157 -16.77 -0.87 38.39
C ARG D 157 -17.92 -1.26 37.48
N ILE D 158 -17.64 -1.97 36.37
CA ILE D 158 -18.72 -2.48 35.52
C ILE D 158 -19.51 -3.53 36.27
N ALA D 159 -18.82 -4.36 37.05
CA ALA D 159 -19.51 -5.39 37.82
C ALA D 159 -20.47 -4.78 38.83
N ALA D 160 -20.01 -3.75 39.54
CA ALA D 160 -20.84 -3.11 40.56
C ALA D 160 -22.05 -2.41 39.95
N LEU D 161 -21.85 -1.69 38.84
CA LEU D 161 -22.94 -0.97 38.21
C LEU D 161 -23.98 -1.94 37.64
N THR D 162 -23.54 -2.90 36.83
CA THR D 162 -24.50 -3.83 36.24
C THR D 162 -25.16 -4.70 37.29
N GLY D 163 -24.44 -5.06 38.35
CA GLY D 163 -25.04 -5.82 39.43
C GLY D 163 -26.19 -5.09 40.11
N ALA D 164 -26.25 -3.76 39.96
CA ALA D 164 -27.28 -2.93 40.59
C ALA D 164 -28.36 -2.51 39.62
N GLY D 165 -28.47 -3.16 38.46
CA GLY D 165 -29.57 -2.91 37.56
C GLY D 165 -29.31 -1.84 36.52
N ILE D 166 -28.06 -1.42 36.35
CA ILE D 166 -27.71 -0.49 35.29
C ILE D 166 -27.26 -1.33 34.09
N LYS D 167 -27.98 -1.18 32.97
CA LYS D 167 -27.72 -1.98 31.78
C LYS D 167 -26.31 -1.74 31.25
N ARG D 168 -25.68 -2.82 30.78
CA ARG D 168 -24.29 -2.75 30.33
C ARG D 168 -24.09 -1.75 29.20
N ASN D 169 -25.04 -1.67 28.27
CA ASN D 169 -24.84 -0.81 27.10
C ASN D 169 -25.09 0.66 27.40
N ARG D 170 -25.41 1.01 28.65
CA ARG D 170 -25.39 2.40 29.06
C ARG D 170 -23.98 2.92 29.29
N LEU D 171 -22.99 2.03 29.36
CA LEU D 171 -21.66 2.36 29.84
C LEU D 171 -20.71 2.79 28.72
N VAL D 172 -20.01 3.90 28.95
CA VAL D 172 -18.91 4.37 28.12
C VAL D 172 -17.69 4.47 29.02
N LEU D 173 -16.57 3.88 28.59
CA LEU D 173 -15.36 3.84 29.39
C LEU D 173 -14.42 4.96 29.00
N ASP D 174 -14.07 5.82 29.96
CA ASP D 174 -13.03 6.82 29.78
C ASP D 174 -11.86 6.43 30.67
N PRO D 175 -10.74 5.98 30.11
CA PRO D 175 -9.62 5.54 30.96
C PRO D 175 -8.95 6.67 31.73
N GLY D 176 -9.29 7.91 31.44
CA GLY D 176 -8.62 9.04 32.05
C GLY D 176 -7.39 9.45 31.28
N MET D 177 -6.93 10.67 31.53
CA MET D 177 -5.77 11.14 30.80
C MET D 177 -5.09 12.22 31.64
N GLY D 178 -3.78 12.37 31.46
CA GLY D 178 -3.04 13.43 32.10
C GLY D 178 -2.94 13.31 33.61
N PHE D 179 -3.41 14.36 34.30
CA PHE D 179 -3.34 14.39 35.77
C PHE D 179 -4.07 13.20 36.40
N PHE D 180 -5.10 12.68 35.75
CA PHE D 180 -5.83 11.54 36.28
C PHE D 180 -5.08 10.23 36.13
N LEU D 181 -3.95 10.21 35.43
CA LEU D 181 -3.13 9.01 35.31
C LEU D 181 -1.79 9.12 36.03
N GLY D 182 -1.28 10.32 36.20
CA GLY D 182 0.01 10.52 36.82
C GLY D 182 0.72 11.72 36.24
N ALA D 183 1.78 12.13 36.93
CA ALA D 183 2.55 13.31 36.52
C ALA D 183 3.35 13.10 35.25
N ALA D 184 3.66 11.84 34.91
CA ALA D 184 4.59 11.60 33.81
C ALA D 184 3.83 11.50 32.49
N PRO D 185 4.25 12.23 31.47
CA PRO D 185 3.57 12.09 30.16
C PRO D 185 3.62 10.68 29.61
N GLU D 186 4.62 9.87 29.98
CA GLU D 186 4.70 8.49 29.50
C GLU D 186 3.46 7.70 29.88
N THR D 187 2.90 7.94 31.06
CA THR D 187 1.70 7.22 31.48
C THR D 187 0.52 7.56 30.59
N SER D 188 0.35 8.84 30.25
CA SER D 188 -0.73 9.25 29.37
C SER D 188 -0.50 8.73 27.96
N LEU D 189 0.75 8.74 27.51
CA LEU D 189 1.09 8.20 26.20
C LEU D 189 0.84 6.69 26.14
N SER D 190 1.04 6.00 27.26
CA SER D 190 0.74 4.56 27.30
CA SER D 190 0.75 4.56 27.28
C SER D 190 -0.73 4.30 27.01
N VAL D 191 -1.61 5.04 27.70
CA VAL D 191 -3.06 4.86 27.55
C VAL D 191 -3.51 5.30 26.16
N LEU D 192 -2.97 6.41 25.65
CA LEU D 192 -3.31 6.84 24.29
C LEU D 192 -2.95 5.77 23.27
N ALA D 193 -1.86 5.05 23.50
CA ALA D 193 -1.46 4.00 22.57
C ALA D 193 -2.25 2.71 22.76
N ARG D 194 -2.71 2.42 23.97
CA ARG D 194 -3.17 1.07 24.27
C ARG D 194 -4.62 0.98 24.76
N PHE D 195 -5.41 2.05 24.64
CA PHE D 195 -6.78 2.00 25.14
C PHE D 195 -7.64 0.96 24.44
N ASP D 196 -7.29 0.56 23.22
CA ASP D 196 -8.08 -0.47 22.53
C ASP D 196 -8.11 -1.79 23.29
N GLU D 197 -7.11 -2.05 24.15
CA GLU D 197 -7.19 -3.19 25.06
C GLU D 197 -8.47 -3.19 25.87
N LEU D 198 -8.99 -2.00 26.20
CA LEU D 198 -10.22 -1.90 26.97
C LEU D 198 -11.44 -2.18 26.12
N ARG D 199 -11.45 -1.67 24.88
CA ARG D 199 -12.57 -1.93 23.97
C ARG D 199 -12.73 -3.42 23.73
N LEU D 200 -11.62 -4.14 23.62
CA LEU D 200 -11.69 -5.56 23.33
C LEU D 200 -12.10 -6.35 24.56
N ARG D 201 -11.48 -6.05 25.71
CA ARG D 201 -11.77 -6.81 26.94
C ARG D 201 -13.24 -6.67 27.36
N PHE D 202 -13.80 -5.48 27.23
CA PHE D 202 -15.13 -5.23 27.77
C PHE D 202 -16.20 -5.12 26.71
N ASP D 203 -15.83 -5.10 25.43
CA ASP D 203 -16.75 -4.89 24.32
C ASP D 203 -17.66 -3.68 24.63
N LEU D 204 -17.02 -2.58 25.00
CA LEU D 204 -17.67 -1.32 25.35
C LEU D 204 -16.93 -0.18 24.67
N PRO D 205 -17.64 0.88 24.29
CA PRO D 205 -16.98 1.99 23.62
C PRO D 205 -16.11 2.78 24.59
N VAL D 206 -15.07 3.42 24.03
CA VAL D 206 -14.10 4.14 24.84
C VAL D 206 -14.11 5.60 24.42
N LEU D 207 -14.15 6.49 25.41
CA LEU D 207 -14.05 7.93 25.22
C LEU D 207 -12.67 8.40 25.68
N LEU D 208 -12.07 9.32 24.93
CA LEU D 208 -10.78 9.87 25.32
C LEU D 208 -10.89 11.39 25.36
N SER D 209 -10.24 11.99 26.34
CA SER D 209 -10.16 13.45 26.43
C SER D 209 -8.70 13.81 26.61
N VAL D 210 -8.02 14.15 25.51
CA VAL D 210 -6.64 14.58 25.56
C VAL D 210 -6.51 16.09 25.40
N SER D 211 -7.57 16.78 25.02
CA SER D 211 -7.47 18.13 24.49
C SER D 211 -6.90 19.09 25.53
N ARG D 212 -5.83 19.79 25.15
CA ARG D 212 -5.18 20.80 25.98
C ARG D 212 -4.62 20.25 27.31
N LYS D 213 -4.42 18.95 27.43
CA LYS D 213 -3.85 18.41 28.66
C LYS D 213 -2.37 18.77 28.78
N SER D 214 -1.93 18.94 30.04
CA SER D 214 -0.61 19.52 30.30
C SER D 214 0.52 18.66 29.74
N PHE D 215 0.35 17.33 29.72
CA PHE D 215 1.46 16.51 29.25
C PHE D 215 1.80 16.81 27.79
N LEU D 216 0.81 17.30 27.03
CA LEU D 216 1.08 17.72 25.65
C LEU D 216 2.09 18.85 25.61
N ARG D 217 1.98 19.81 26.53
CA ARG D 217 2.95 20.91 26.60
C ARG D 217 4.34 20.39 26.91
N ALA D 218 4.44 19.34 27.75
CA ALA D 218 5.74 18.77 28.06
C ALA D 218 6.38 18.11 26.84
N LEU D 219 5.58 17.54 25.95
CA LEU D 219 6.15 16.87 24.79
C LEU D 219 6.60 17.86 23.72
N THR D 220 6.03 19.05 23.69
CA THR D 220 6.33 20.04 22.67
C THR D 220 7.16 21.22 23.17
N GLY D 221 7.30 21.30 24.48
CA GLY D 221 8.12 22.28 25.12
C GLY D 221 7.75 23.71 24.95
N ARG D 222 6.51 24.02 25.15
CA ARG D 222 6.12 25.41 25.04
C ARG D 222 5.02 25.71 26.06
N GLY D 223 4.53 26.95 26.06
CA GLY D 223 3.49 27.40 26.96
C GLY D 223 2.05 26.96 26.74
N PRO D 224 1.11 27.59 27.46
CA PRO D 224 -0.29 27.11 27.48
C PRO D 224 -1.02 27.21 26.15
N GLY D 225 -1.04 28.39 25.54
CA GLY D 225 -1.98 28.68 24.46
C GLY D 225 -1.77 27.89 23.19
N ASP D 226 -0.56 27.39 22.96
CA ASP D 226 -0.24 26.73 21.70
C ASP D 226 -0.17 25.21 21.88
N VAL D 227 -1.29 24.63 22.30
CA VAL D 227 -1.42 23.19 22.38
C VAL D 227 -2.45 22.65 21.40
N GLY D 228 -2.96 23.52 20.50
CA GLY D 228 -3.93 23.07 19.51
C GLY D 228 -3.37 22.01 18.57
N ALA D 229 -2.15 22.22 18.06
CA ALA D 229 -1.59 21.26 17.10
C ALA D 229 -1.26 19.94 17.78
N ALA D 230 -0.59 20.00 18.93
CA ALA D 230 -0.32 18.79 19.68
C ALA D 230 -1.61 18.07 20.03
N THR D 231 -2.67 18.82 20.33
CA THR D 231 -3.97 18.21 20.63
C THR D 231 -4.53 17.49 19.41
N LEU D 232 -4.55 18.15 18.27
CA LEU D 232 -5.06 17.50 17.06
C LEU D 232 -4.29 16.22 16.78
N ALA D 233 -2.96 16.25 16.92
CA ALA D 233 -2.15 15.06 16.65
C ALA D 233 -2.56 13.91 17.56
N ALA D 234 -2.71 14.19 18.86
CA ALA D 234 -3.11 13.14 19.80
C ALA D 234 -4.53 12.67 19.54
N GLU D 235 -5.45 13.58 19.20
CA GLU D 235 -6.81 13.16 18.89
C GLU D 235 -6.87 12.31 17.63
N LEU D 236 -6.11 12.68 16.60
CA LEU D 236 -6.09 11.88 15.38
C LEU D 236 -5.53 10.49 15.66
N ALA D 237 -4.47 10.41 16.46
CA ALA D 237 -3.96 9.11 16.89
C ALA D 237 -5.03 8.30 17.60
N ALA D 238 -5.78 8.93 18.50
CA ALA D 238 -6.84 8.23 19.21
C ALA D 238 -7.89 7.69 18.25
N ALA D 239 -8.31 8.52 17.29
CA ALA D 239 -9.29 8.07 16.31
C ALA D 239 -8.73 6.93 15.47
N ALA D 240 -7.48 7.07 15.01
CA ALA D 240 -6.84 6.00 14.24
C ALA D 240 -6.74 4.72 15.05
N GLY D 241 -6.61 4.84 16.37
CA GLY D 241 -6.52 3.68 17.24
C GLY D 241 -7.85 3.05 17.62
N GLY D 242 -8.96 3.63 17.20
CA GLY D 242 -10.27 3.06 17.45
C GLY D 242 -11.16 3.76 18.49
N ALA D 243 -10.84 4.99 18.89
CA ALA D 243 -11.64 5.69 19.88
C ALA D 243 -13.06 5.93 19.37
N ASP D 244 -14.05 5.62 20.20
CA ASP D 244 -15.46 5.78 19.82
C ASP D 244 -16.01 7.17 20.14
N PHE D 245 -15.46 7.82 21.15
CA PHE D 245 -15.84 9.17 21.56
C PHE D 245 -14.57 9.98 21.74
N ILE D 246 -14.60 11.25 21.35
CA ILE D 246 -13.53 12.18 21.68
C ILE D 246 -14.14 13.45 22.27
N ARG D 247 -13.66 13.84 23.44
CA ARG D 247 -14.10 15.04 24.13
C ARG D 247 -13.07 16.14 23.86
N THR D 248 -13.48 17.22 23.22
CA THR D 248 -12.50 18.19 22.77
C THR D 248 -13.00 19.62 22.94
N HIS D 249 -12.04 20.54 22.99
CA HIS D 249 -12.34 21.96 22.98
C HIS D 249 -12.58 22.52 21.58
N GLU D 250 -12.07 21.85 20.54
CA GLU D 250 -12.16 22.35 19.17
C GLU D 250 -12.59 21.25 18.22
N PRO D 251 -13.90 21.12 17.97
CA PRO D 251 -14.36 20.03 17.09
C PRO D 251 -14.01 20.23 15.63
N ARG D 252 -13.91 21.49 15.17
CA ARG D 252 -13.73 21.73 13.74
C ARG D 252 -12.39 21.22 13.22
N PRO D 253 -11.24 21.54 13.84
CA PRO D 253 -9.98 20.95 13.33
C PRO D 253 -10.00 19.45 13.37
N LEU D 254 -10.62 18.87 14.40
CA LEU D 254 -10.71 17.43 14.49
C LEU D 254 -11.52 16.86 13.34
N ARG D 255 -12.70 17.45 13.06
CA ARG D 255 -13.50 16.98 11.94
C ARG D 255 -12.71 17.03 10.63
N ASP D 256 -11.99 18.14 10.40
CA ASP D 256 -11.23 18.24 9.14
C ASP D 256 -10.12 17.20 9.07
N GLY D 257 -9.40 16.98 10.18
CA GLY D 257 -8.37 15.97 10.18
C GLY D 257 -8.93 14.58 9.90
N LEU D 258 -10.05 14.24 10.54
CA LEU D 258 -10.66 12.93 10.33
C LEU D 258 -11.08 12.73 8.88
N ALA D 259 -11.58 13.79 8.22
CA ALA D 259 -11.97 13.64 6.82
C ALA D 259 -10.79 13.26 5.95
N VAL D 260 -9.62 13.87 6.21
CA VAL D 260 -8.41 13.55 5.45
C VAL D 260 -7.98 12.11 5.70
N LEU D 261 -7.93 11.70 6.97
CA LEU D 261 -7.48 10.36 7.30
C LEU D 261 -8.46 9.31 6.78
N ALA D 262 -9.76 9.61 6.78
CA ALA D 262 -10.72 8.65 6.26
C ALA D 262 -10.59 8.48 4.75
N ALA D 263 -10.41 9.59 4.02
CA ALA D 263 -10.22 9.50 2.57
C ALA D 263 -8.93 8.79 2.23
N LEU D 264 -7.88 8.99 3.02
CA LEU D 264 -6.63 8.27 2.81
C LEU D 264 -6.83 6.77 2.99
N LYS D 265 -7.44 6.38 4.10
CA LYS D 265 -7.71 4.96 4.35
C LYS D 265 -8.61 4.37 3.27
N GLU D 266 -9.62 5.13 2.84
CA GLU D 266 -10.53 4.66 1.79
C GLU D 266 -9.78 4.47 0.47
N THR D 267 -8.90 5.41 0.11
CA THR D 267 -8.17 5.29 -1.14
C THR D 267 -7.11 4.19 -1.07
N ALA D 268 -6.51 3.98 0.09
CA ALA D 268 -5.56 2.88 0.24
C ALA D 268 -6.27 1.53 0.30
N ARG D 269 -7.57 1.53 0.57
CA ARG D 269 -8.35 0.30 0.59
C ARG D 269 -8.65 -0.19 -0.81
N ILE D 270 -8.94 0.72 -1.74
CA ILE D 270 -9.29 0.35 -3.10
C ILE D 270 -8.08 0.54 -4.03
#